data_4IWO
#
_entry.id   4IWO
#
_cell.length_a   136.600
_cell.length_b   136.600
_cell.length_c   87.380
_cell.angle_alpha   90.000
_cell.angle_beta   90.000
_cell.angle_gamma   120.000
#
_symmetry.space_group_name_H-M   'P 32 2 1'
#
loop_
_entity.id
_entity.type
_entity.pdbx_description
1 polymer 'Serine/threonine-protein kinase TBK1'
2 non-polymer N-{3-[(5-cyclopropyl-2-{[3-(2-oxopyrrolidin-1-yl)phenyl]amino}pyrimidin-4-yl)amino]propyl}cyclobutanecarboxamide
3 water water
#
_entity_poly.entity_id   1
_entity_poly.type   'polypeptide(L)'
_entity_poly.pdbx_seq_one_letter_code
;GAMGQSTSNHLWLLSDILGQGATANVFRGRHKKTGDLFAIKVFNNISFLRPVDVQMREFEVLKKLNHKNIVKLFAIEEET
TTRHKVLIMEFCPCGSLYTVLEEPSNAYGLPESEFLIVLRDVVGGMNHLRENGIVHRDIKPGNIMRVIGEDGQSVYKLTD
FGAARELEDDEQFVALYGTEEYLHPDMYERAVLRKDHQKKYGATVDLWSIGVTFYHAATGSLPFRPFEGPRRNKEVMYKI
ITGKPSGAISGVQKAENGPIDWSGDMPVSCSLSRGLQVLLTPVLANILEADQEKCWGFDQFFAETSDILHRMVIHVFSLQ
QMTAHKIYIHSYNTATIFHELVYKQTKIISSNQELIYEGRRLVLEPGRLAQHFPKTTEENPIFVVSREPLNTIGLIYEKI
SLPKVHPRYDLDGDASMAKAITGVVCYACRIASTLLLYQELMRKGIRWLIELIKDDYNETVHKKTEVVITLDFCIRNIEK
TVKVYEKLMKINLEAAELGEISDIHTKLLRLSSSQGTIETSLQDIDSRLSPGGSLADAWAHQEGTHPKDRNVEKLQVLLN
CMTEIYYQFKKDKAERRLAYNEEQIHKFDKQKLYYHATKAMTHFTDECVKKYEAFLNKSEEWIRKMLHLRKQLLSLTNQC
FDIEEEVSKYQEYTNELQET
;
_entity_poly.pdbx_strand_id   A
#
loop_
_chem_comp.id
_chem_comp.type
_chem_comp.name
_chem_comp.formula
1H4 non-polymer N-{3-[(5-cyclopropyl-2-{[3-(2-oxopyrrolidin-1-yl)phenyl]amino}pyrimidin-4-yl)amino]propyl}cyclobutanecarboxamide 'C25 H32 N6 O2'
#
# COMPACT_ATOMS: atom_id res chain seq x y z
N GLY A 1 13.38 17.97 -40.56
CA GLY A 1 14.50 18.77 -41.02
C GLY A 1 14.16 20.23 -41.20
N ALA A 2 14.01 20.94 -40.08
CA ALA A 2 13.70 22.37 -40.11
C ALA A 2 14.71 23.18 -39.30
N MET A 3 14.43 24.47 -39.14
CA MET A 3 15.32 25.36 -38.41
C MET A 3 15.16 25.22 -36.90
N GLY A 4 16.27 25.34 -36.18
CA GLY A 4 16.25 25.40 -34.73
C GLY A 4 17.24 26.45 -34.25
N GLN A 5 16.99 27.00 -33.07
CA GLN A 5 17.89 28.01 -32.50
C GLN A 5 19.18 27.37 -32.00
N SER A 6 20.11 28.21 -31.56
CA SER A 6 21.40 27.73 -31.06
C SER A 6 22.21 28.86 -30.41
N THR A 7 23.16 28.44 -29.60
CA THR A 7 23.97 29.28 -28.74
C THR A 7 25.41 28.86 -28.96
N SER A 8 26.35 29.60 -28.40
CA SER A 8 27.75 29.39 -28.71
C SER A 8 28.19 27.97 -28.38
N ASN A 9 27.70 27.40 -27.28
CA ASN A 9 28.09 26.04 -26.94
C ASN A 9 26.97 25.02 -27.13
N HIS A 10 25.75 25.49 -27.41
CA HIS A 10 24.61 24.59 -27.53
C HIS A 10 23.79 24.81 -28.80
N LEU A 11 22.97 23.83 -29.12
CA LEU A 11 22.07 23.90 -30.27
C LEU A 11 20.85 23.03 -30.03
N TRP A 12 19.72 23.39 -30.64
CA TRP A 12 18.50 22.63 -30.46
C TRP A 12 17.48 22.88 -31.57
N LEU A 13 16.57 21.93 -31.76
CA LEU A 13 15.48 22.08 -32.71
C LEU A 13 14.27 22.62 -31.99
N LEU A 14 13.47 23.43 -32.68
CA LEU A 14 12.24 23.95 -32.11
C LEU A 14 11.16 22.87 -32.14
N SER A 15 11.36 21.87 -32.99
CA SER A 15 10.43 20.75 -33.08
C SER A 15 10.48 19.94 -31.80
N ASP A 16 11.68 19.85 -31.23
CA ASP A 16 11.87 19.16 -29.96
C ASP A 16 11.56 20.10 -28.79
N ILE A 17 10.32 20.02 -28.30
CA ILE A 17 9.85 20.94 -27.27
C ILE A 17 9.40 20.18 -26.02
N LEU A 18 10.10 20.44 -24.91
CA LEU A 18 9.84 19.73 -23.66
C LEU A 18 8.59 20.23 -22.96
N GLY A 19 8.61 21.51 -22.58
CA GLY A 19 7.49 22.11 -21.88
C GLY A 19 7.25 23.53 -22.34
N GLN A 20 6.00 23.99 -22.21
CA GLN A 20 5.67 25.36 -22.55
C GLN A 20 5.18 26.10 -21.31
N GLY A 21 5.81 27.24 -21.03
CA GLY A 21 5.39 28.08 -19.93
C GLY A 21 5.08 29.49 -20.37
N ALA A 22 4.63 30.32 -19.42
CA ALA A 22 4.27 31.70 -19.72
C ALA A 22 5.50 32.51 -20.14
N THR A 23 6.46 32.62 -19.23
CA THR A 23 7.65 33.41 -19.47
C THR A 23 8.57 32.76 -20.52
N ALA A 24 8.79 31.46 -20.39
CA ALA A 24 9.78 30.79 -21.22
C ALA A 24 9.31 29.45 -21.79
N ASN A 25 10.11 28.92 -22.71
CA ASN A 25 9.91 27.58 -23.24
C ASN A 25 11.14 26.73 -22.97
N VAL A 26 10.96 25.41 -22.99
CA VAL A 26 12.07 24.48 -22.77
C VAL A 26 12.20 23.49 -23.92
N PHE A 27 13.40 23.38 -24.48
CA PHE A 27 13.65 22.49 -25.61
C PHE A 27 14.65 21.40 -25.28
N ARG A 28 14.47 20.24 -25.89
CA ARG A 28 15.47 19.18 -25.83
C ARG A 28 16.63 19.58 -26.74
N GLY A 29 17.81 19.79 -26.15
CA GLY A 29 18.96 20.23 -26.93
C GLY A 29 20.25 19.52 -26.59
N ARG A 30 21.24 19.65 -27.46
CA ARG A 30 22.53 19.01 -27.24
C ARG A 30 23.68 20.01 -27.19
N HIS A 31 24.72 19.66 -26.45
CA HIS A 31 25.93 20.46 -26.41
C HIS A 31 26.67 20.32 -27.73
N LYS A 32 27.36 21.38 -28.15
CA LYS A 32 28.05 21.38 -29.45
C LYS A 32 29.26 20.44 -29.47
N LYS A 33 30.11 20.56 -28.47
CA LYS A 33 31.35 19.78 -28.40
C LYS A 33 31.12 18.32 -28.01
N THR A 34 30.42 18.09 -26.91
CA THR A 34 30.28 16.76 -26.35
C THR A 34 29.02 16.02 -26.81
N GLY A 35 28.02 16.79 -27.26
CA GLY A 35 26.79 16.21 -27.75
C GLY A 35 25.85 15.72 -26.66
N ASP A 36 26.15 16.06 -25.42
CA ASP A 36 25.33 15.62 -24.28
C ASP A 36 24.00 16.38 -24.22
N LEU A 37 22.95 15.69 -23.79
CA LEU A 37 21.62 16.27 -23.76
C LEU A 37 21.43 17.24 -22.59
N PHE A 38 20.76 18.35 -22.87
CA PHE A 38 20.44 19.36 -21.86
C PHE A 38 19.08 19.99 -22.10
N ALA A 39 18.46 20.47 -21.03
CA ALA A 39 17.22 21.22 -21.15
C ALA A 39 17.54 22.70 -21.34
N ILE A 40 17.17 23.23 -22.50
CA ILE A 40 17.43 24.63 -22.82
C ILE A 40 16.19 25.49 -22.59
N LYS A 41 16.30 26.44 -21.67
CA LYS A 41 15.18 27.32 -21.32
C LYS A 41 15.30 28.67 -22.02
N VAL A 42 14.44 28.90 -23.01
CA VAL A 42 14.48 30.14 -23.78
C VAL A 42 13.33 31.07 -23.40
N PHE A 43 13.68 32.28 -22.98
CA PHE A 43 12.68 33.26 -22.54
C PHE A 43 11.84 33.80 -23.69
N ASN A 44 10.52 33.67 -23.59
CA ASN A 44 9.65 34.26 -24.59
C ASN A 44 9.11 35.63 -24.16
N ASN A 45 9.27 36.62 -25.04
CA ASN A 45 8.73 37.96 -24.82
C ASN A 45 9.58 38.91 -23.97
N ILE A 46 10.81 38.52 -23.66
CA ILE A 46 11.70 39.33 -22.83
C ILE A 46 12.06 40.64 -23.53
N SER A 47 12.25 41.69 -22.74
CA SER A 47 12.50 43.04 -23.27
C SER A 47 12.25 44.12 -22.23
N PHE A 48 10.98 44.35 -21.90
CA PHE A 48 10.59 45.30 -20.86
C PHE A 48 11.07 44.82 -19.49
N LEU A 49 10.83 43.55 -19.22
CA LEU A 49 11.13 42.92 -17.95
C LEU A 49 12.61 42.78 -17.58
N ARG A 50 13.44 42.43 -18.56
CA ARG A 50 14.78 41.93 -18.29
C ARG A 50 15.74 42.90 -17.59
N PRO A 51 16.46 42.36 -16.52
CA PRO A 51 17.46 43.27 -15.96
C PRO A 51 18.87 42.71 -16.16
N VAL A 52 19.79 43.52 -16.68
CA VAL A 52 21.16 43.07 -16.89
C VAL A 52 21.82 42.84 -15.53
N ASP A 53 21.49 43.73 -14.61
CA ASP A 53 22.18 43.84 -13.32
C ASP A 53 21.57 42.88 -12.29
N VAL A 54 20.25 42.99 -12.11
CA VAL A 54 19.56 42.19 -11.09
C VAL A 54 19.46 40.72 -11.48
N GLN A 55 18.98 40.44 -12.68
CA GLN A 55 18.79 39.07 -13.14
C GLN A 55 20.11 38.32 -13.31
N MET A 56 21.20 39.06 -13.45
CA MET A 56 22.53 38.46 -13.49
C MET A 56 22.77 37.69 -12.21
N ARG A 57 22.66 38.39 -11.08
CA ARG A 57 22.85 37.79 -9.76
C ARG A 57 21.77 36.78 -9.42
N GLU A 58 20.55 37.03 -9.90
CA GLU A 58 19.43 36.11 -9.69
C GLU A 58 19.72 34.75 -10.28
N PHE A 59 20.34 34.74 -11.46
CA PHE A 59 20.71 33.49 -12.12
C PHE A 59 22.01 32.95 -11.54
N GLU A 60 22.86 33.85 -11.03
CA GLU A 60 24.10 33.46 -10.38
C GLU A 60 23.82 32.77 -9.04
N VAL A 61 22.62 32.95 -8.51
CA VAL A 61 22.23 32.28 -7.27
C VAL A 61 21.81 30.84 -7.54
N LEU A 62 20.91 30.67 -8.50
CA LEU A 62 20.40 29.35 -8.85
C LEU A 62 21.49 28.45 -9.44
N LYS A 63 22.55 29.07 -9.96
CA LYS A 63 23.66 28.33 -10.55
C LYS A 63 24.36 27.42 -9.53
N LYS A 64 24.94 28.02 -8.50
CA LYS A 64 25.74 27.25 -7.54
C LYS A 64 24.86 26.44 -6.60
N LEU A 65 23.56 26.71 -6.62
CA LEU A 65 22.60 25.93 -5.85
C LEU A 65 22.58 24.50 -6.39
N ASN A 66 22.79 23.54 -5.51
CA ASN A 66 22.87 22.14 -5.93
C ASN A 66 22.22 21.20 -4.91
N HIS A 67 21.44 20.24 -5.41
CA HIS A 67 20.76 19.27 -4.56
C HIS A 67 20.26 18.09 -5.38
N LYS A 68 19.90 17.02 -4.69
CA LYS A 68 19.38 15.81 -5.32
C LYS A 68 17.93 15.99 -5.75
N ASN A 69 17.22 16.87 -5.05
CA ASN A 69 15.80 17.08 -5.31
C ASN A 69 15.48 18.36 -6.07
N ILE A 70 16.51 19.01 -6.62
CA ILE A 70 16.33 20.23 -7.39
C ILE A 70 17.10 20.19 -8.71
N VAL A 71 16.40 20.48 -9.81
CA VAL A 71 17.01 20.44 -11.14
C VAL A 71 18.16 21.44 -11.24
N LYS A 72 19.32 20.95 -11.70
CA LYS A 72 20.54 21.75 -11.70
C LYS A 72 20.61 22.73 -12.87
N LEU A 73 20.81 24.00 -12.55
CA LEU A 73 21.07 25.03 -13.55
C LEU A 73 22.56 25.13 -13.78
N PHE A 74 23.01 24.81 -14.99
CA PHE A 74 24.44 24.73 -15.27
C PHE A 74 25.07 26.04 -15.70
N ALA A 75 24.38 26.80 -16.54
CA ALA A 75 24.93 28.06 -17.03
C ALA A 75 23.87 28.98 -17.63
N ILE A 76 24.27 30.24 -17.87
CA ILE A 76 23.41 31.21 -18.51
C ILE A 76 24.09 31.74 -19.77
N GLU A 77 23.49 31.46 -20.93
CA GLU A 77 24.08 31.87 -22.20
C GLU A 77 23.10 32.66 -23.06
N GLU A 78 23.63 33.31 -24.09
CA GLU A 78 22.80 34.08 -25.01
C GLU A 78 22.66 33.36 -26.35
N GLU A 79 21.45 33.37 -26.89
CA GLU A 79 21.19 32.80 -28.21
C GLU A 79 22.02 33.57 -29.25
N THR A 80 22.49 32.85 -30.27
CA THR A 80 23.42 33.41 -31.25
C THR A 80 22.99 34.73 -31.89
N THR A 81 21.76 34.74 -32.42
CA THR A 81 21.27 35.91 -33.16
C THR A 81 20.48 36.88 -32.28
N THR A 82 19.40 36.38 -31.68
CA THR A 82 18.47 37.22 -30.93
C THR A 82 19.04 37.74 -29.62
N ARG A 83 20.17 37.17 -29.19
CA ARG A 83 20.80 37.51 -27.91
C ARG A 83 19.87 37.31 -26.72
N HIS A 84 18.85 36.45 -26.89
CA HIS A 84 17.91 36.15 -25.82
C HIS A 84 18.61 35.43 -24.69
N LYS A 85 18.15 35.68 -23.46
CA LYS A 85 18.70 34.98 -22.30
C LYS A 85 18.28 33.51 -22.35
N VAL A 86 19.27 32.63 -22.28
CA VAL A 86 19.02 31.19 -22.35
C VAL A 86 19.66 30.47 -21.17
N LEU A 87 18.85 29.71 -20.43
CA LEU A 87 19.34 28.93 -19.31
C LEU A 87 19.63 27.49 -19.74
N ILE A 88 20.77 26.98 -19.34
CA ILE A 88 21.15 25.60 -19.64
C ILE A 88 20.85 24.70 -18.44
N MET A 89 19.78 23.93 -18.55
CA MET A 89 19.30 23.15 -17.43
C MET A 89 19.53 21.64 -17.60
N GLU A 90 19.55 20.94 -16.48
CA GLU A 90 19.67 19.49 -16.47
C GLU A 90 18.45 18.85 -17.13
N PHE A 91 18.68 17.95 -18.07
CA PHE A 91 17.59 17.30 -18.80
C PHE A 91 17.04 16.08 -18.06
N CYS A 92 15.71 15.99 -17.98
CA CYS A 92 15.06 14.86 -17.32
C CYS A 92 14.18 14.09 -18.31
N PRO A 93 14.75 13.02 -18.90
CA PRO A 93 14.12 12.25 -19.99
C PRO A 93 12.80 11.59 -19.61
N CYS A 94 12.59 11.29 -18.34
CA CYS A 94 11.37 10.59 -17.91
C CYS A 94 10.13 11.47 -17.86
N GLY A 95 10.33 12.78 -17.94
CA GLY A 95 9.22 13.72 -17.90
C GLY A 95 8.96 14.25 -16.51
N SER A 96 7.69 14.42 -16.16
CA SER A 96 7.34 14.96 -14.86
C SER A 96 6.33 14.08 -14.12
N LEU A 97 5.88 14.54 -12.96
CA LEU A 97 4.89 13.81 -12.20
C LEU A 97 3.57 13.72 -12.97
N TYR A 98 3.28 14.76 -13.75
CA TYR A 98 2.09 14.78 -14.60
C TYR A 98 2.13 13.64 -15.61
N THR A 99 3.30 13.44 -16.21
CA THR A 99 3.52 12.36 -17.17
C THR A 99 3.30 11.01 -16.51
N VAL A 100 3.68 10.93 -15.23
CA VAL A 100 3.51 9.71 -14.46
C VAL A 100 2.03 9.47 -14.14
N LEU A 101 1.32 10.53 -13.79
CA LEU A 101 -0.09 10.42 -13.42
C LEU A 101 -0.98 10.24 -14.63
N GLU A 102 -0.44 10.50 -15.82
CA GLU A 102 -1.18 10.35 -17.06
C GLU A 102 -1.24 8.90 -17.51
N GLU A 103 -0.36 8.07 -16.95
CA GLU A 103 -0.39 6.64 -17.21
C GLU A 103 -1.60 6.01 -16.51
N PRO A 104 -2.41 5.27 -17.28
CA PRO A 104 -3.66 4.65 -16.80
C PRO A 104 -3.45 3.72 -15.60
N SER A 105 -2.24 3.21 -15.45
CA SER A 105 -1.89 2.38 -14.29
C SER A 105 -1.97 3.19 -13.01
N ASN A 106 -1.78 4.50 -13.13
CA ASN A 106 -1.86 5.40 -11.99
C ASN A 106 -3.14 6.22 -11.98
N ALA A 107 -4.16 5.73 -12.68
CA ALA A 107 -5.44 6.42 -12.76
C ALA A 107 -6.10 6.52 -11.40
N TYR A 108 -5.92 5.49 -10.57
CA TYR A 108 -6.50 5.47 -9.24
C TYR A 108 -5.43 5.59 -8.16
N GLY A 109 -4.34 6.28 -8.52
CA GLY A 109 -3.29 6.56 -7.55
C GLY A 109 -1.98 5.85 -7.83
N LEU A 110 -0.89 6.45 -7.35
CA LEU A 110 0.44 5.85 -7.46
C LEU A 110 0.57 4.62 -6.57
N PRO A 111 1.50 3.72 -6.93
CA PRO A 111 1.83 2.61 -6.04
C PRO A 111 2.38 3.15 -4.72
N GLU A 112 2.32 2.35 -3.66
CA GLU A 112 2.76 2.81 -2.35
C GLU A 112 4.23 3.20 -2.31
N SER A 113 5.09 2.36 -2.88
CA SER A 113 6.52 2.64 -2.92
C SER A 113 6.79 3.94 -3.66
N GLU A 114 6.10 4.14 -4.77
CA GLU A 114 6.31 5.31 -5.62
C GLU A 114 5.77 6.58 -4.97
N PHE A 115 4.66 6.45 -4.25
CA PHE A 115 4.07 7.59 -3.54
C PHE A 115 4.99 8.08 -2.44
N LEU A 116 5.60 7.13 -1.73
CA LEU A 116 6.55 7.46 -0.67
C LEU A 116 7.78 8.16 -1.23
N ILE A 117 8.19 7.75 -2.42
CA ILE A 117 9.32 8.38 -3.09
C ILE A 117 9.00 9.83 -3.44
N VAL A 118 7.79 10.04 -3.94
CA VAL A 118 7.30 11.37 -4.25
C VAL A 118 7.25 12.24 -2.99
N LEU A 119 6.64 11.71 -1.93
CA LEU A 119 6.57 12.41 -0.66
C LEU A 119 7.96 12.76 -0.14
N ARG A 120 8.89 11.83 -0.29
CA ARG A 120 10.27 12.03 0.15
C ARG A 120 10.96 13.15 -0.62
N ASP A 121 11.03 13.00 -1.95
CA ASP A 121 11.76 13.95 -2.79
C ASP A 121 11.16 15.35 -2.77
N VAL A 122 9.82 15.42 -2.76
CA VAL A 122 9.13 16.71 -2.73
C VAL A 122 9.42 17.47 -1.44
N VAL A 123 9.25 16.79 -0.31
CA VAL A 123 9.51 17.38 1.00
C VAL A 123 10.96 17.83 1.14
N GLY A 124 11.89 16.97 0.77
CA GLY A 124 13.31 17.29 0.83
C GLY A 124 13.68 18.49 -0.03
N GLY A 125 13.14 18.53 -1.24
CA GLY A 125 13.39 19.63 -2.15
C GLY A 125 12.75 20.92 -1.68
N MET A 126 11.52 20.82 -1.18
CA MET A 126 10.81 21.97 -0.65
C MET A 126 11.51 22.52 0.60
N ASN A 127 12.10 21.62 1.39
CA ASN A 127 12.81 22.02 2.60
C ASN A 127 14.14 22.70 2.28
N HIS A 128 14.77 22.26 1.20
CA HIS A 128 16.02 22.86 0.76
C HIS A 128 15.77 24.28 0.24
N LEU A 129 14.59 24.49 -0.33
CA LEU A 129 14.17 25.81 -0.76
C LEU A 129 13.87 26.70 0.45
N ARG A 130 13.43 26.07 1.53
CA ARG A 130 13.13 26.78 2.77
C ARG A 130 14.43 27.30 3.41
N GLU A 131 15.47 26.47 3.37
CA GLU A 131 16.75 26.81 3.96
C GLU A 131 17.40 28.02 3.28
N ASN A 132 17.06 28.24 2.02
CA ASN A 132 17.56 29.40 1.29
C ASN A 132 16.63 30.60 1.39
N GLY A 133 15.38 30.35 1.76
CA GLY A 133 14.41 31.42 1.94
C GLY A 133 13.56 31.67 0.70
N ILE A 134 13.75 30.85 -0.32
CA ILE A 134 13.00 31.00 -1.56
C ILE A 134 11.63 30.33 -1.47
N VAL A 135 10.59 31.05 -1.89
CA VAL A 135 9.24 30.51 -1.87
C VAL A 135 8.83 30.04 -3.27
N HIS A 136 7.99 29.02 -3.32
CA HIS A 136 7.56 28.44 -4.60
C HIS A 136 6.10 28.76 -4.92
N ARG A 137 5.18 28.24 -4.10
CA ARG A 137 3.73 28.46 -4.26
C ARG A 137 3.10 27.81 -5.51
N ASP A 138 3.94 27.45 -6.47
CA ASP A 138 3.45 26.99 -7.77
C ASP A 138 3.62 25.48 -7.93
N ILE A 139 3.87 24.79 -6.81
CA ILE A 139 4.16 23.36 -6.84
C ILE A 139 3.03 22.52 -7.44
N LYS A 140 3.33 21.90 -8.58
CA LYS A 140 2.35 21.17 -9.37
C LYS A 140 3.05 19.97 -9.97
N PRO A 141 2.31 18.87 -10.22
CA PRO A 141 2.85 17.70 -10.91
C PRO A 141 3.56 18.04 -12.21
N GLY A 142 3.18 19.16 -12.83
CA GLY A 142 3.82 19.62 -14.06
C GLY A 142 5.23 20.13 -13.88
N ASN A 143 5.52 20.75 -12.74
CA ASN A 143 6.85 21.28 -12.48
C ASN A 143 7.68 20.40 -11.54
N ILE A 144 7.16 19.21 -11.24
CA ILE A 144 7.91 18.24 -10.44
C ILE A 144 8.50 17.18 -11.37
N MET A 145 9.79 17.33 -11.67
CA MET A 145 10.46 16.47 -12.64
C MET A 145 10.79 15.10 -12.07
N ARG A 146 10.96 14.12 -12.95
CA ARG A 146 11.28 12.76 -12.54
C ARG A 146 12.42 12.19 -13.37
N VAL A 147 13.38 11.57 -12.70
CA VAL A 147 14.49 10.90 -13.37
C VAL A 147 14.68 9.52 -12.79
N ILE A 148 15.40 8.67 -13.50
CA ILE A 148 15.71 7.33 -13.01
C ILE A 148 17.08 7.32 -12.33
N GLY A 149 17.09 6.95 -11.05
CA GLY A 149 18.31 6.92 -10.28
C GLY A 149 19.21 5.76 -10.64
N GLU A 150 20.40 5.72 -10.06
CA GLU A 150 21.36 4.65 -10.30
C GLU A 150 20.82 3.30 -9.80
N ASP A 151 20.03 3.34 -8.74
CA ASP A 151 19.48 2.13 -8.15
C ASP A 151 18.12 1.76 -8.74
N GLY A 152 17.76 2.40 -9.84
CA GLY A 152 16.53 2.08 -10.55
C GLY A 152 15.30 2.78 -10.03
N GLN A 153 15.36 3.28 -8.81
CA GLN A 153 14.23 3.98 -8.21
C GLN A 153 14.12 5.41 -8.74
N SER A 154 12.89 5.91 -8.83
CA SER A 154 12.65 7.25 -9.33
C SER A 154 13.20 8.29 -8.36
N VAL A 155 13.65 9.42 -8.90
CA VAL A 155 14.08 10.55 -8.10
C VAL A 155 13.37 11.79 -8.62
N TYR A 156 12.68 12.50 -7.73
CA TYR A 156 11.88 13.64 -8.14
C TYR A 156 12.56 14.98 -7.81
N LYS A 157 12.62 15.85 -8.82
CA LYS A 157 13.32 17.12 -8.70
C LYS A 157 12.39 18.30 -8.95
N LEU A 158 12.44 19.29 -8.08
CA LEU A 158 11.62 20.50 -8.23
C LEU A 158 12.25 21.46 -9.23
N THR A 159 11.42 22.32 -9.81
CA THR A 159 11.85 23.30 -10.81
C THR A 159 10.94 24.54 -10.86
N ASP A 160 11.41 25.58 -11.58
CA ASP A 160 10.60 26.77 -11.85
C ASP A 160 10.04 27.58 -10.66
N PHE A 161 10.90 27.91 -9.70
CA PHE A 161 10.48 28.68 -8.52
C PHE A 161 11.16 30.05 -8.42
N GLY A 162 10.55 30.97 -7.67
CA GLY A 162 11.07 32.31 -7.48
C GLY A 162 10.60 33.41 -8.42
N ALA A 163 9.63 33.09 -9.28
CA ALA A 163 9.04 34.04 -10.21
C ALA A 163 8.07 34.99 -9.53
N ALA A 164 8.05 34.97 -8.20
CA ALA A 164 7.14 35.82 -7.43
C ALA A 164 7.75 37.19 -7.12
N ARG A 165 8.89 37.47 -7.75
CA ARG A 165 9.58 38.74 -7.53
C ARG A 165 9.60 39.61 -8.79
N GLU A 166 10.30 39.14 -9.82
CA GLU A 166 10.47 39.90 -11.05
C GLU A 166 9.15 40.07 -11.81
N LEU A 167 8.38 38.99 -11.90
CA LEU A 167 7.12 39.02 -12.62
C LEU A 167 6.07 39.81 -11.86
N GLY A 178 0.46 30.23 -8.29
CA GLY A 178 0.17 28.81 -8.21
C GLY A 178 -0.70 28.32 -9.37
N THR A 179 -0.78 27.01 -9.52
CA THR A 179 -1.60 26.41 -10.58
C THR A 179 -3.08 26.49 -10.22
N GLU A 180 -3.93 26.52 -11.25
CA GLU A 180 -5.35 26.81 -11.09
C GLU A 180 -6.10 25.95 -10.05
N GLU A 181 -6.01 24.63 -10.15
CA GLU A 181 -6.68 23.75 -9.20
C GLU A 181 -5.80 23.50 -7.98
N TYR A 182 -4.62 24.09 -7.97
CA TYR A 182 -3.67 23.94 -6.88
C TYR A 182 -3.53 25.23 -6.10
N LEU A 183 -4.45 26.16 -6.33
CA LEU A 183 -4.44 27.46 -5.67
C LEU A 183 -5.14 27.45 -4.32
N HIS A 184 -4.60 28.23 -3.39
CA HIS A 184 -5.20 28.40 -2.07
C HIS A 184 -6.38 29.37 -2.18
N PRO A 185 -7.47 29.09 -1.44
CA PRO A 185 -8.72 29.86 -1.46
C PRO A 185 -8.54 31.39 -1.41
N ASP A 186 -7.57 31.85 -0.63
CA ASP A 186 -7.30 33.28 -0.53
C ASP A 186 -6.44 33.77 -1.69
N MET A 187 -5.53 32.91 -2.15
CA MET A 187 -4.71 33.21 -3.33
C MET A 187 -5.58 33.01 -4.57
N TYR A 188 -6.63 32.23 -4.41
CA TYR A 188 -7.63 32.03 -5.44
C TYR A 188 -8.40 33.34 -5.64
N GLU A 189 -8.64 34.04 -4.54
CA GLU A 189 -9.35 35.32 -4.57
C GLU A 189 -8.52 36.39 -5.27
N GLY A 202 3.65 34.44 4.16
CA GLY A 202 2.67 33.37 4.20
C GLY A 202 3.15 32.12 3.49
N ALA A 203 3.42 31.07 4.25
CA ALA A 203 3.88 29.81 3.68
C ALA A 203 2.73 28.80 3.58
N THR A 204 1.52 29.27 3.85
CA THR A 204 0.33 28.41 3.80
C THR A 204 0.02 27.97 2.37
N VAL A 205 0.16 28.90 1.44
CA VAL A 205 -0.08 28.63 0.03
C VAL A 205 0.81 27.52 -0.51
N ASP A 206 2.01 27.41 0.05
CA ASP A 206 2.93 26.34 -0.33
C ASP A 206 2.34 25.00 0.05
N LEU A 207 1.92 24.88 1.30
CA LEU A 207 1.39 23.62 1.82
C LEU A 207 0.10 23.19 1.12
N TRP A 208 -0.62 24.16 0.56
CA TRP A 208 -1.86 23.86 -0.16
C TRP A 208 -1.58 23.15 -1.48
N SER A 209 -0.75 23.78 -2.30
CA SER A 209 -0.33 23.18 -3.57
C SER A 209 0.29 21.81 -3.32
N ILE A 210 1.03 21.70 -2.22
CA ILE A 210 1.59 20.43 -1.78
C ILE A 210 0.50 19.40 -1.49
N GLY A 211 -0.49 19.82 -0.71
CA GLY A 211 -1.59 18.95 -0.32
C GLY A 211 -2.39 18.44 -1.49
N VAL A 212 -2.73 19.34 -2.41
CA VAL A 212 -3.50 18.97 -3.59
C VAL A 212 -2.67 18.04 -4.47
N THR A 213 -1.38 18.30 -4.54
CA THR A 213 -0.45 17.44 -5.28
C THR A 213 -0.39 16.05 -4.67
N PHE A 214 -0.22 16.00 -3.35
CA PHE A 214 -0.13 14.73 -2.64
C PHE A 214 -1.41 13.91 -2.74
N TYR A 215 -2.55 14.59 -2.66
CA TYR A 215 -3.83 13.91 -2.81
C TYR A 215 -3.97 13.37 -4.21
N HIS A 216 -3.49 14.14 -5.19
CA HIS A 216 -3.56 13.77 -6.60
C HIS A 216 -2.74 12.50 -6.86
N ALA A 217 -1.55 12.46 -6.28
CA ALA A 217 -0.65 11.33 -6.44
C ALA A 217 -1.20 10.05 -5.80
N ALA A 218 -1.89 10.19 -4.67
CA ALA A 218 -2.41 9.02 -3.97
C ALA A 218 -3.75 8.56 -4.50
N THR A 219 -4.56 9.50 -4.98
CA THR A 219 -5.92 9.20 -5.41
C THR A 219 -6.00 9.01 -6.93
N GLY A 220 -5.21 9.78 -7.66
CA GLY A 220 -5.29 9.79 -9.11
C GLY A 220 -6.33 10.79 -9.56
N SER A 221 -6.78 11.61 -8.62
CA SER A 221 -7.77 12.65 -8.91
C SER A 221 -7.58 13.85 -8.00
N LEU A 222 -8.09 15.00 -8.45
CA LEU A 222 -8.03 16.22 -7.67
C LEU A 222 -8.99 16.11 -6.47
N PRO A 223 -8.63 16.76 -5.36
CA PRO A 223 -9.44 16.70 -4.13
C PRO A 223 -10.82 17.32 -4.31
N PHE A 224 -10.87 18.46 -4.99
CA PHE A 224 -12.10 19.22 -5.11
C PHE A 224 -12.55 19.37 -6.56
N ARG A 225 -13.64 18.70 -6.91
CA ARG A 225 -14.11 18.66 -8.29
C ARG A 225 -15.56 19.09 -8.43
N PRO A 226 -15.79 20.19 -9.18
CA PRO A 226 -17.16 20.57 -9.56
C PRO A 226 -17.68 19.61 -10.63
N PHE A 227 -18.96 19.70 -10.98
CA PHE A 227 -19.51 18.79 -11.97
C PHE A 227 -19.05 19.15 -13.38
N GLU A 228 -19.19 20.43 -13.74
CA GLU A 228 -18.77 20.90 -15.06
C GLU A 228 -17.27 20.75 -15.26
N GLY A 229 -16.50 21.29 -14.31
CA GLY A 229 -15.05 21.25 -14.38
C GLY A 229 -14.44 22.61 -14.17
N PRO A 230 -13.16 22.72 -14.49
CA PRO A 230 -12.42 23.98 -14.38
C PRO A 230 -12.62 24.80 -15.63
N ARG A 231 -13.85 25.23 -15.82
CA ARG A 231 -14.25 26.04 -16.95
C ARG A 231 -14.76 27.35 -16.40
N ARG A 232 -15.61 28.02 -17.16
CA ARG A 232 -16.24 29.24 -16.68
C ARG A 232 -17.05 28.86 -15.44
N ASN A 233 -17.67 27.69 -15.48
CA ASN A 233 -18.55 27.27 -14.40
C ASN A 233 -17.74 26.88 -13.16
N LYS A 234 -16.49 27.32 -13.11
CA LYS A 234 -15.60 27.01 -11.99
C LYS A 234 -15.88 27.94 -10.81
N GLU A 235 -16.96 28.71 -10.90
CA GLU A 235 -17.40 29.55 -9.81
C GLU A 235 -17.78 28.68 -8.63
N VAL A 236 -18.32 27.51 -8.95
CA VAL A 236 -18.71 26.52 -7.95
C VAL A 236 -17.51 26.07 -7.13
N MET A 237 -16.36 25.95 -7.79
CA MET A 237 -15.12 25.53 -7.14
C MET A 237 -14.81 26.37 -5.90
N TYR A 238 -15.00 27.68 -6.00
CA TYR A 238 -14.72 28.56 -4.88
C TYR A 238 -15.69 28.31 -3.73
N LYS A 239 -16.96 28.08 -4.05
CA LYS A 239 -17.96 27.77 -3.04
C LYS A 239 -17.64 26.41 -2.40
N ILE A 240 -16.99 25.55 -3.15
CA ILE A 240 -16.51 24.27 -2.63
C ILE A 240 -15.36 24.49 -1.65
N ILE A 241 -14.37 25.27 -2.06
CA ILE A 241 -13.19 25.52 -1.22
C ILE A 241 -13.55 26.37 0.01
N THR A 242 -14.54 27.24 -0.15
CA THR A 242 -14.91 28.22 0.87
C THR A 242 -15.39 27.58 2.17
N GLY A 243 -16.14 26.49 2.06
CA GLY A 243 -16.75 25.87 3.23
C GLY A 243 -15.73 25.38 4.26
N LYS A 244 -14.69 24.69 3.80
CA LYS A 244 -13.60 24.28 4.67
C LYS A 244 -14.12 23.54 5.90
N PRO A 245 -15.14 22.70 5.71
CA PRO A 245 -15.74 22.00 6.84
C PRO A 245 -14.81 20.95 7.45
N SER A 246 -14.70 20.98 8.78
CA SER A 246 -13.91 20.01 9.51
C SER A 246 -12.47 19.96 8.97
N GLY A 247 -11.91 18.77 8.84
CA GLY A 247 -10.62 18.57 8.20
C GLY A 247 -10.76 17.93 6.84
N ALA A 248 -12.00 17.76 6.39
CA ALA A 248 -12.30 17.01 5.18
C ALA A 248 -11.25 17.30 4.11
N ILE A 249 -10.76 16.24 3.46
CA ILE A 249 -9.68 16.37 2.50
C ILE A 249 -10.16 16.43 1.04
N SER A 250 -11.45 16.20 0.83
CA SER A 250 -12.02 16.24 -0.52
C SER A 250 -13.49 16.59 -0.56
N GLY A 251 -13.95 17.12 -1.70
CA GLY A 251 -15.35 17.49 -1.87
C GLY A 251 -15.74 17.46 -3.34
N VAL A 252 -16.78 16.69 -3.66
CA VAL A 252 -17.20 16.51 -5.04
C VAL A 252 -18.72 16.61 -5.22
N GLN A 253 -19.14 17.42 -6.19
CA GLN A 253 -20.54 17.45 -6.58
C GLN A 253 -20.76 16.56 -7.80
N LYS A 254 -21.70 15.62 -7.67
CA LYS A 254 -21.91 14.61 -8.71
C LYS A 254 -22.98 15.00 -9.73
N ALA A 255 -23.63 16.15 -9.50
CA ALA A 255 -24.63 16.66 -10.43
C ALA A 255 -24.40 18.14 -10.71
N GLU A 256 -24.90 18.63 -11.84
CA GLU A 256 -24.70 20.02 -12.23
C GLU A 256 -25.33 20.99 -11.24
N ASN A 257 -24.49 21.79 -10.58
CA ASN A 257 -24.93 22.78 -9.61
C ASN A 257 -25.78 22.19 -8.51
N GLY A 258 -25.19 21.29 -7.72
CA GLY A 258 -25.91 20.63 -6.64
C GLY A 258 -25.07 20.50 -5.38
N PRO A 259 -25.50 19.61 -4.48
CA PRO A 259 -24.82 19.36 -3.19
C PRO A 259 -23.40 18.85 -3.37
N ILE A 260 -22.59 18.98 -2.33
CA ILE A 260 -21.20 18.54 -2.38
C ILE A 260 -20.95 17.40 -1.39
N ASP A 261 -20.37 16.31 -1.89
CA ASP A 261 -20.06 15.17 -1.04
C ASP A 261 -18.66 15.32 -0.43
N TRP A 262 -18.62 15.50 0.88
CA TRP A 262 -17.35 15.69 1.59
C TRP A 262 -16.86 14.38 2.20
N SER A 263 -15.54 14.28 2.36
CA SER A 263 -14.94 13.10 2.97
C SER A 263 -13.61 13.45 3.62
N GLY A 264 -13.38 12.93 4.82
CA GLY A 264 -12.12 13.13 5.52
C GLY A 264 -11.27 11.88 5.44
N ASP A 265 -11.52 11.06 4.43
CA ASP A 265 -10.80 9.81 4.25
C ASP A 265 -10.57 9.49 2.78
N MET A 266 -9.54 8.69 2.51
CA MET A 266 -9.20 8.28 1.15
C MET A 266 -10.32 7.42 0.56
N PRO A 267 -10.51 7.49 -0.76
CA PRO A 267 -11.51 6.65 -1.42
C PRO A 267 -11.08 5.19 -1.43
N VAL A 268 -12.01 4.29 -1.75
CA VAL A 268 -11.75 2.86 -1.71
C VAL A 268 -10.79 2.42 -2.82
N SER A 269 -10.78 3.15 -3.92
CA SER A 269 -9.95 2.81 -5.07
C SER A 269 -8.47 3.05 -4.82
N CYS A 270 -8.16 3.74 -3.71
CA CYS A 270 -6.79 4.03 -3.34
C CYS A 270 -5.96 2.76 -3.14
N SER A 271 -4.72 2.79 -3.60
CA SER A 271 -3.86 1.61 -3.58
C SER A 271 -2.86 1.65 -2.42
N LEU A 272 -3.00 2.63 -1.54
CA LEU A 272 -2.13 2.73 -0.37
C LEU A 272 -2.63 1.83 0.75
N SER A 273 -1.72 1.43 1.63
CA SER A 273 -2.06 0.54 2.74
C SER A 273 -2.85 1.27 3.81
N ARG A 274 -3.60 0.51 4.61
CA ARG A 274 -4.34 1.05 5.73
C ARG A 274 -3.37 1.73 6.70
N GLY A 275 -2.21 1.12 6.89
CA GLY A 275 -1.19 1.65 7.78
C GLY A 275 -0.68 3.00 7.31
N LEU A 276 -0.53 3.14 6.00
CA LEU A 276 -0.05 4.39 5.44
C LEU A 276 -1.15 5.46 5.48
N GLN A 277 -2.37 5.06 5.17
CA GLN A 277 -3.51 5.99 5.17
C GLN A 277 -3.76 6.64 6.52
N VAL A 278 -3.66 5.84 7.58
CA VAL A 278 -3.87 6.34 8.94
C VAL A 278 -2.89 7.45 9.27
N LEU A 279 -1.69 7.39 8.71
CA LEU A 279 -0.69 8.41 8.94
C LEU A 279 -0.85 9.59 7.99
N LEU A 280 -1.28 9.31 6.76
CA LEU A 280 -1.34 10.33 5.71
C LEU A 280 -2.55 11.26 5.83
N THR A 281 -3.71 10.68 6.13
CA THR A 281 -4.96 11.44 6.25
C THR A 281 -4.86 12.69 7.15
N PRO A 282 -4.28 12.58 8.36
CA PRO A 282 -4.18 13.80 9.17
C PRO A 282 -3.29 14.87 8.55
N VAL A 283 -2.23 14.44 7.86
CA VAL A 283 -1.29 15.38 7.27
C VAL A 283 -1.98 16.22 6.20
N LEU A 284 -2.70 15.55 5.30
CA LEU A 284 -3.45 16.23 4.25
C LEU A 284 -4.61 17.04 4.82
N ALA A 285 -5.07 16.66 6.00
CA ALA A 285 -6.20 17.35 6.63
C ALA A 285 -5.80 18.70 7.20
N ASN A 286 -4.56 18.81 7.67
CA ASN A 286 -4.09 20.03 8.33
C ASN A 286 -3.43 21.03 7.39
N ILE A 287 -3.09 20.58 6.19
CA ILE A 287 -2.49 21.47 5.19
C ILE A 287 -3.50 21.88 4.13
N LEU A 288 -4.75 21.44 4.31
CA LEU A 288 -5.82 21.76 3.37
C LEU A 288 -7.02 22.44 4.03
N GLU A 289 -6.90 23.75 4.23
CA GLU A 289 -8.00 24.57 4.71
C GLU A 289 -7.64 26.06 4.57
N ALA A 290 -8.64 26.92 4.61
CA ALA A 290 -8.42 28.35 4.40
C ALA A 290 -7.87 29.03 5.65
N ASP A 291 -8.41 28.65 6.81
CA ASP A 291 -8.03 29.27 8.08
C ASP A 291 -6.54 29.13 8.39
N GLN A 292 -5.91 30.25 8.70
CA GLN A 292 -4.50 30.26 9.08
C GLN A 292 -4.34 29.76 10.52
N GLU A 293 -5.47 29.54 11.19
CA GLU A 293 -5.47 29.11 12.58
C GLU A 293 -5.21 27.61 12.70
N LYS A 294 -5.77 26.85 11.78
CA LYS A 294 -5.71 25.39 11.83
C LYS A 294 -4.66 24.82 10.87
N CYS A 295 -4.06 25.68 10.06
CA CYS A 295 -3.03 25.25 9.12
C CYS A 295 -1.68 25.06 9.80
N TRP A 296 -0.82 24.25 9.19
CA TRP A 296 0.49 23.95 9.75
C TRP A 296 1.57 24.92 9.28
N GLY A 297 2.80 24.63 9.67
CA GLY A 297 3.97 25.36 9.20
C GLY A 297 4.95 24.36 8.62
N PHE A 298 5.95 24.84 7.88
CA PHE A 298 6.90 23.95 7.22
C PHE A 298 7.67 23.05 8.19
N ASP A 299 7.92 23.54 9.40
CA ASP A 299 8.60 22.72 10.40
C ASP A 299 7.70 21.62 10.92
N GLN A 300 6.44 21.96 11.18
CA GLN A 300 5.45 21.01 11.63
C GLN A 300 5.17 19.99 10.53
N PHE A 301 5.05 20.49 9.31
CA PHE A 301 4.81 19.64 8.15
C PHE A 301 5.99 18.70 7.92
N PHE A 302 7.21 19.25 7.98
CA PHE A 302 8.42 18.45 7.84
C PHE A 302 8.52 17.39 8.93
N ALA A 303 8.18 17.78 10.16
CA ALA A 303 8.25 16.87 11.30
C ALA A 303 7.31 15.68 11.17
N GLU A 304 6.10 15.95 10.70
CA GLU A 304 5.09 14.89 10.54
C GLU A 304 5.38 14.00 9.35
N THR A 305 5.75 14.60 8.23
CA THR A 305 6.07 13.84 7.02
C THR A 305 7.32 12.99 7.21
N SER A 306 8.33 13.54 7.86
CA SER A 306 9.58 12.82 8.09
C SER A 306 9.38 11.70 9.11
N ASP A 307 8.43 11.90 10.01
CA ASP A 307 8.05 10.89 10.98
C ASP A 307 7.49 9.66 10.28
N ILE A 308 6.77 9.91 9.19
CA ILE A 308 6.19 8.83 8.39
C ILE A 308 7.27 8.12 7.60
N LEU A 309 8.22 8.90 7.07
CA LEU A 309 9.24 8.36 6.19
C LEU A 309 10.31 7.57 6.94
N HIS A 310 10.49 7.87 8.21
CA HIS A 310 11.51 7.23 9.03
C HIS A 310 11.12 5.83 9.49
N ARG A 311 9.84 5.49 9.36
CA ARG A 311 9.32 4.22 9.83
C ARG A 311 9.59 3.07 8.87
N MET A 312 9.97 1.92 9.43
CA MET A 312 10.13 0.70 8.64
C MET A 312 8.77 0.00 8.54
N VAL A 313 8.68 -0.99 7.67
CA VAL A 313 7.41 -1.66 7.43
C VAL A 313 7.47 -3.15 7.72
N ILE A 314 6.56 -3.62 8.58
CA ILE A 314 6.44 -5.04 8.88
C ILE A 314 5.17 -5.59 8.26
N HIS A 315 5.30 -6.62 7.45
CA HIS A 315 4.15 -7.23 6.81
C HIS A 315 3.51 -8.29 7.70
N VAL A 316 2.20 -8.18 7.89
CA VAL A 316 1.47 -9.12 8.72
C VAL A 316 0.14 -9.53 8.08
N PHE A 317 -0.06 -10.84 7.92
CA PHE A 317 -1.31 -11.35 7.38
C PHE A 317 -2.15 -11.98 8.48
N SER A 318 -3.40 -11.55 8.60
CA SER A 318 -4.32 -12.09 9.58
C SER A 318 -5.15 -13.20 8.96
N LEU A 319 -4.86 -14.45 9.33
CA LEU A 319 -5.59 -15.60 8.80
C LEU A 319 -7.08 -15.52 9.12
N GLN A 320 -7.41 -15.01 10.31
CA GLN A 320 -8.79 -14.91 10.74
C GLN A 320 -9.62 -14.09 9.77
N GLN A 321 -9.19 -12.85 9.51
CA GLN A 321 -9.95 -11.94 8.66
C GLN A 321 -9.54 -12.06 7.19
N MET A 322 -8.48 -12.79 6.92
CA MET A 322 -7.93 -12.93 5.57
C MET A 322 -7.58 -11.56 5.00
N THR A 323 -6.78 -10.80 5.73
CA THR A 323 -6.38 -9.45 5.32
C THR A 323 -4.88 -9.23 5.49
N ALA A 324 -4.27 -8.59 4.51
CA ALA A 324 -2.87 -8.20 4.59
C ALA A 324 -2.74 -6.82 5.22
N HIS A 325 -1.65 -6.62 5.96
CA HIS A 325 -1.45 -5.37 6.69
C HIS A 325 0.00 -4.89 6.62
N LYS A 326 0.17 -3.58 6.45
CA LYS A 326 1.48 -2.95 6.53
C LYS A 326 1.56 -2.11 7.80
N ILE A 327 2.28 -2.61 8.80
CA ILE A 327 2.40 -1.91 10.07
C ILE A 327 3.63 -1.01 10.05
N TYR A 328 3.42 0.29 10.21
CA TYR A 328 4.50 1.25 10.12
C TYR A 328 5.11 1.57 11.48
N ILE A 329 6.33 1.07 11.69
CA ILE A 329 6.99 1.16 12.98
C ILE A 329 8.37 1.78 12.86
N HIS A 330 8.73 2.60 13.84
CA HIS A 330 10.09 3.10 13.97
C HIS A 330 11.03 1.96 14.36
N SER A 331 12.29 2.07 13.99
CA SER A 331 13.27 1.01 14.22
C SER A 331 13.51 0.76 15.70
N TYR A 332 13.27 1.78 16.53
CA TYR A 332 13.57 1.71 17.96
C TYR A 332 12.36 1.32 18.82
N ASN A 333 11.19 1.17 18.20
CA ASN A 333 10.00 0.78 18.93
C ASN A 333 10.07 -0.68 19.39
N THR A 334 9.14 -1.07 20.26
CA THR A 334 9.16 -2.42 20.82
C THR A 334 7.95 -3.25 20.36
N ALA A 335 7.94 -4.52 20.75
CA ALA A 335 6.87 -5.43 20.38
C ALA A 335 5.56 -5.05 21.07
N THR A 336 5.67 -4.25 22.12
CA THR A 336 4.49 -3.74 22.83
C THR A 336 3.69 -2.82 21.93
N ILE A 337 4.36 -1.82 21.38
CA ILE A 337 3.73 -0.88 20.46
C ILE A 337 3.38 -1.58 19.15
N PHE A 338 4.14 -2.62 18.81
CA PHE A 338 3.86 -3.44 17.65
C PHE A 338 2.51 -4.14 17.79
N HIS A 339 2.27 -4.73 18.95
CA HIS A 339 1.00 -5.40 19.21
C HIS A 339 -0.15 -4.42 19.20
N GLU A 340 0.10 -3.21 19.72
CA GLU A 340 -0.90 -2.16 19.74
C GLU A 340 -1.35 -1.78 18.33
N LEU A 341 -0.37 -1.56 17.46
CA LEU A 341 -0.66 -1.21 16.07
C LEU A 341 -1.39 -2.33 15.34
N VAL A 342 -0.97 -3.56 15.59
CA VAL A 342 -1.63 -4.73 15.01
C VAL A 342 -3.09 -4.79 15.48
N TYR A 343 -3.30 -4.47 16.76
CA TYR A 343 -4.65 -4.40 17.31
C TYR A 343 -5.46 -3.27 16.67
N LYS A 344 -4.79 -2.16 16.38
CA LYS A 344 -5.45 -1.02 15.75
C LYS A 344 -6.01 -1.38 14.37
N GLN A 345 -5.33 -2.28 13.68
CA GLN A 345 -5.75 -2.66 12.32
C GLN A 345 -6.65 -3.90 12.30
N THR A 346 -6.24 -4.94 13.02
CA THR A 346 -6.95 -6.22 13.00
C THR A 346 -7.96 -6.40 14.13
N LYS A 347 -7.96 -5.45 15.07
CA LYS A 347 -8.87 -5.50 16.23
C LYS A 347 -8.70 -6.76 17.09
N ILE A 348 -7.50 -7.34 17.04
CA ILE A 348 -7.18 -8.48 17.89
C ILE A 348 -6.41 -7.99 19.11
N ILE A 349 -6.93 -8.31 20.30
CA ILE A 349 -6.32 -7.88 21.55
C ILE A 349 -4.87 -8.33 21.65
N SER A 350 -4.04 -7.48 22.25
CA SER A 350 -2.59 -7.71 22.32
C SER A 350 -2.20 -9.07 22.89
N SER A 351 -3.00 -9.58 23.83
CA SER A 351 -2.68 -10.85 24.48
C SER A 351 -3.28 -12.04 23.73
N ASN A 352 -3.97 -11.77 22.63
CA ASN A 352 -4.59 -12.82 21.83
C ASN A 352 -3.84 -13.07 20.53
N GLN A 353 -2.85 -12.23 20.25
CA GLN A 353 -2.11 -12.31 19.01
C GLN A 353 -1.03 -13.41 19.06
N GLU A 354 -1.23 -14.46 18.26
CA GLU A 354 -0.25 -15.54 18.16
C GLU A 354 0.46 -15.51 16.81
N LEU A 355 1.75 -15.20 16.82
CA LEU A 355 2.50 -14.99 15.59
C LEU A 355 3.06 -16.29 15.00
N ILE A 356 3.13 -16.34 13.67
CA ILE A 356 3.71 -17.48 12.97
C ILE A 356 4.64 -16.99 11.87
N TYR A 357 5.84 -17.54 11.83
CA TYR A 357 6.83 -17.14 10.84
C TYR A 357 7.63 -18.32 10.30
N GLU A 358 7.51 -18.55 9.00
CA GLU A 358 8.23 -19.62 8.30
C GLU A 358 8.04 -21.01 8.91
N GLY A 359 6.79 -21.43 9.06
CA GLY A 359 6.47 -22.77 9.50
C GLY A 359 6.34 -22.94 11.01
N ARG A 360 6.96 -22.04 11.75
CA ARG A 360 6.96 -22.11 13.21
C ARG A 360 6.35 -20.87 13.83
N ARG A 361 5.76 -21.02 15.01
CA ARG A 361 5.23 -19.89 15.75
C ARG A 361 6.37 -19.01 16.22
N LEU A 362 6.09 -17.73 16.41
CA LEU A 362 7.12 -16.78 16.78
C LEU A 362 6.80 -16.08 18.09
N VAL A 363 7.76 -16.10 19.00
CA VAL A 363 7.59 -15.43 20.29
C VAL A 363 8.46 -14.18 20.39
N LEU A 364 7.84 -13.08 20.79
CA LEU A 364 8.52 -11.79 20.87
C LEU A 364 8.54 -11.28 22.30
N GLU A 365 9.71 -10.88 22.77
CA GLU A 365 9.83 -10.27 24.09
C GLU A 365 9.16 -8.90 24.06
N PRO A 366 8.40 -8.57 25.11
CA PRO A 366 7.66 -7.31 25.20
C PRO A 366 8.54 -6.07 25.02
N GLY A 367 9.83 -6.21 25.29
CA GLY A 367 10.76 -5.09 25.15
C GLY A 367 11.74 -5.26 24.02
N ARG A 368 11.45 -6.20 23.12
CA ARG A 368 12.33 -6.45 21.98
C ARG A 368 12.17 -5.35 20.92
N LEU A 369 13.29 -4.81 20.47
CA LEU A 369 13.28 -3.70 19.51
C LEU A 369 12.83 -4.13 18.12
N ALA A 370 12.48 -3.14 17.29
CA ALA A 370 11.98 -3.39 15.95
C ALA A 370 13.11 -3.69 14.96
N GLN A 371 14.32 -3.32 15.34
CA GLN A 371 15.51 -3.59 14.53
C GLN A 371 15.69 -5.07 14.24
N HIS A 372 15.46 -5.90 15.26
CA HIS A 372 15.79 -7.31 15.17
C HIS A 372 14.62 -8.19 14.76
N PHE A 373 13.54 -7.57 14.32
CA PHE A 373 12.40 -8.29 13.78
C PHE A 373 12.82 -9.06 12.53
N PRO A 374 12.24 -10.26 12.34
CA PRO A 374 12.57 -11.11 11.18
C PRO A 374 12.29 -10.42 9.85
N LYS A 375 13.01 -10.83 8.81
CA LYS A 375 12.89 -10.25 7.48
C LYS A 375 11.47 -10.46 6.95
N THR A 376 10.87 -9.39 6.43
CA THR A 376 9.47 -9.45 6.04
C THR A 376 9.22 -8.91 4.63
N THR A 377 8.32 -9.57 3.92
CA THR A 377 7.87 -9.13 2.60
C THR A 377 6.37 -9.39 2.53
N GLU A 378 5.70 -8.85 1.52
CA GLU A 378 4.28 -9.10 1.33
C GLU A 378 4.05 -10.58 1.06
N GLU A 379 5.01 -11.20 0.36
CA GLU A 379 4.92 -12.63 0.04
C GLU A 379 5.33 -13.50 1.24
N ASN A 380 6.00 -12.90 2.21
CA ASN A 380 6.43 -13.63 3.41
C ASN A 380 6.26 -12.80 4.69
N PRO A 381 5.01 -12.68 5.17
CA PRO A 381 4.68 -11.86 6.34
C PRO A 381 4.68 -12.67 7.63
N ILE A 382 4.49 -11.98 8.75
CA ILE A 382 4.22 -12.64 10.01
C ILE A 382 2.74 -12.91 10.11
N PHE A 383 2.36 -14.18 10.10
CA PHE A 383 0.95 -14.55 10.22
C PHE A 383 0.43 -14.32 11.64
N VAL A 384 -0.86 -14.02 11.74
CA VAL A 384 -1.51 -13.83 13.03
C VAL A 384 -2.80 -14.64 13.14
N VAL A 385 -2.77 -15.64 14.00
CA VAL A 385 -3.94 -16.45 14.30
C VAL A 385 -4.38 -16.10 15.72
N SER A 386 -5.69 -16.19 15.98
CA SER A 386 -6.23 -15.83 17.29
C SER A 386 -7.01 -16.98 17.93
N ARG A 387 -7.38 -16.79 19.19
CA ARG A 387 -8.21 -17.75 19.90
C ARG A 387 -9.68 -17.35 19.78
N GLU A 388 -9.96 -16.08 20.07
CA GLU A 388 -11.31 -15.54 19.89
C GLU A 388 -11.71 -15.59 18.43
N PRO A 389 -12.94 -16.05 18.15
CA PRO A 389 -13.48 -16.15 16.78
C PRO A 389 -13.49 -14.79 16.10
N LEU A 390 -13.22 -14.77 14.79
CA LEU A 390 -13.23 -13.52 14.03
C LEU A 390 -13.86 -13.68 12.66
N ASN A 391 -14.46 -12.60 12.18
CA ASN A 391 -15.10 -12.60 10.87
C ASN A 391 -14.10 -12.43 9.74
N THR A 392 -14.20 -13.27 8.72
CA THR A 392 -13.33 -13.17 7.56
C THR A 392 -13.78 -12.03 6.67
N ILE A 393 -12.99 -10.95 6.64
CA ILE A 393 -13.33 -9.78 5.83
C ILE A 393 -12.84 -9.94 4.38
N GLY A 394 -11.61 -10.38 4.22
CA GLY A 394 -11.02 -10.48 2.90
C GLY A 394 -10.58 -9.13 2.40
N LEU A 395 -10.41 -9.00 1.08
CA LEU A 395 -10.01 -7.72 0.49
C LEU A 395 -11.22 -6.82 0.25
N ILE A 396 -11.08 -5.56 0.65
CA ILE A 396 -12.12 -4.57 0.40
C ILE A 396 -11.67 -3.61 -0.70
N TYR A 397 -12.34 -3.70 -1.85
CA TYR A 397 -12.00 -2.86 -2.99
C TYR A 397 -13.25 -2.22 -3.59
N GLU A 398 -13.06 -1.16 -4.36
CA GLU A 398 -14.18 -0.48 -4.99
C GLU A 398 -14.53 -1.11 -6.33
N LYS A 399 -15.78 -1.53 -6.46
CA LYS A 399 -16.25 -2.14 -7.70
C LYS A 399 -16.42 -1.08 -8.80
N ILE A 400 -15.51 -1.10 -9.77
CA ILE A 400 -15.52 -0.11 -10.85
C ILE A 400 -15.82 -0.78 -12.19
N SER A 401 -16.72 -0.16 -12.94
CA SER A 401 -17.09 -0.68 -14.26
C SER A 401 -16.70 0.28 -15.38
N LEU A 402 -16.81 -0.19 -16.62
CA LEU A 402 -16.37 0.56 -17.79
C LEU A 402 -17.28 1.75 -18.10
N PRO A 403 -16.67 2.90 -18.46
CA PRO A 403 -17.43 4.07 -18.91
C PRO A 403 -18.06 3.80 -20.27
N LYS A 404 -19.21 4.40 -20.55
CA LYS A 404 -19.88 4.21 -21.83
C LYS A 404 -19.09 4.87 -22.97
N VAL A 405 -19.00 4.19 -24.10
CA VAL A 405 -18.24 4.68 -25.24
C VAL A 405 -19.13 5.27 -26.32
N HIS A 406 -18.84 6.50 -26.74
CA HIS A 406 -19.63 7.18 -27.76
C HIS A 406 -19.15 6.84 -29.17
N PRO A 407 -20.08 6.83 -30.14
CA PRO A 407 -19.71 6.64 -31.54
C PRO A 407 -19.08 7.90 -32.12
N ARG A 408 -19.11 8.98 -31.35
CA ARG A 408 -18.54 10.26 -31.76
C ARG A 408 -17.04 10.13 -32.07
N TYR A 409 -16.59 10.89 -33.07
CA TYR A 409 -15.24 10.77 -33.58
C TYR A 409 -14.23 11.70 -32.91
N ASP A 410 -14.70 12.50 -31.95
CA ASP A 410 -13.86 13.48 -31.25
C ASP A 410 -12.53 12.91 -30.75
N LEU A 411 -11.43 13.42 -31.30
CA LEU A 411 -10.09 12.93 -30.97
C LEU A 411 -9.76 13.10 -29.49
N ASP A 412 -10.10 14.27 -28.94
CA ASP A 412 -9.85 14.55 -27.53
C ASP A 412 -10.68 13.63 -26.65
N GLY A 413 -11.95 13.47 -27.03
CA GLY A 413 -12.86 12.60 -26.31
C GLY A 413 -12.43 11.14 -26.38
N ASP A 414 -11.90 10.74 -27.52
CA ASP A 414 -11.41 9.38 -27.71
C ASP A 414 -10.17 9.13 -26.85
N ALA A 415 -9.30 10.13 -26.76
CA ALA A 415 -8.09 10.02 -25.98
C ALA A 415 -8.37 9.95 -24.48
N SER A 416 -9.26 10.84 -24.02
CA SER A 416 -9.66 10.87 -22.62
C SER A 416 -10.36 9.58 -22.21
N MET A 417 -11.28 9.14 -23.05
CA MET A 417 -12.00 7.88 -22.82
C MET A 417 -11.04 6.70 -22.81
N ALA A 418 -10.04 6.74 -23.69
CA ALA A 418 -9.06 5.67 -23.77
C ALA A 418 -8.24 5.56 -22.48
N LYS A 419 -7.89 6.69 -21.90
CA LYS A 419 -7.18 6.73 -20.63
C LYS A 419 -8.06 6.20 -19.50
N ALA A 420 -9.32 6.62 -19.48
CA ALA A 420 -10.24 6.22 -18.42
C ALA A 420 -10.51 4.72 -18.43
N ILE A 421 -10.85 4.19 -19.61
CA ILE A 421 -11.25 2.79 -19.71
C ILE A 421 -10.07 1.84 -19.48
N THR A 422 -8.87 2.30 -19.80
CA THR A 422 -7.67 1.51 -19.56
C THR A 422 -7.33 1.54 -18.08
N GLY A 423 -7.55 2.69 -17.45
CA GLY A 423 -7.32 2.86 -16.03
C GLY A 423 -8.22 1.96 -15.20
N VAL A 424 -9.43 1.76 -15.69
CA VAL A 424 -10.39 0.86 -15.04
C VAL A 424 -9.89 -0.58 -15.09
N VAL A 425 -9.39 -0.99 -16.25
CA VAL A 425 -8.84 -2.33 -16.41
C VAL A 425 -7.55 -2.52 -15.61
N CYS A 426 -6.74 -1.47 -15.55
CA CYS A 426 -5.52 -1.48 -14.74
C CYS A 426 -5.86 -1.73 -13.28
N TYR A 427 -6.93 -1.09 -12.80
CA TYR A 427 -7.37 -1.26 -11.42
C TYR A 427 -7.82 -2.70 -11.18
N ALA A 428 -8.61 -3.23 -12.09
CA ALA A 428 -9.10 -4.60 -11.97
C ALA A 428 -7.94 -5.59 -11.99
N CYS A 429 -6.93 -5.28 -12.77
CA CYS A 429 -5.73 -6.11 -12.84
C CYS A 429 -4.98 -6.06 -11.52
N ARG A 430 -4.94 -4.87 -10.93
CA ARG A 430 -4.32 -4.66 -9.63
C ARG A 430 -5.03 -5.48 -8.56
N ILE A 431 -6.36 -5.38 -8.53
CA ILE A 431 -7.16 -6.10 -7.56
C ILE A 431 -6.97 -7.61 -7.72
N ALA A 432 -6.90 -8.07 -8.97
CA ALA A 432 -6.75 -9.49 -9.25
C ALA A 432 -5.41 -10.02 -8.75
N SER A 433 -4.38 -9.18 -8.86
CA SER A 433 -3.04 -9.56 -8.41
C SER A 433 -3.00 -9.70 -6.88
N THR A 434 -3.84 -8.93 -6.21
CA THR A 434 -3.91 -8.97 -4.75
C THR A 434 -4.72 -10.17 -4.27
N LEU A 435 -5.80 -10.47 -4.97
CA LEU A 435 -6.63 -11.63 -4.66
C LEU A 435 -5.80 -12.91 -4.65
N LEU A 436 -4.92 -13.05 -5.64
CA LEU A 436 -4.05 -14.22 -5.76
C LEU A 436 -3.08 -14.27 -4.58
N LEU A 437 -2.53 -13.11 -4.23
CA LEU A 437 -1.62 -13.00 -3.10
C LEU A 437 -2.29 -13.41 -1.78
N TYR A 438 -3.52 -12.96 -1.58
CA TYR A 438 -4.27 -13.30 -0.36
C TYR A 438 -4.52 -14.80 -0.28
N GLN A 439 -4.87 -15.40 -1.41
CA GLN A 439 -5.15 -16.82 -1.46
C GLN A 439 -3.89 -17.64 -1.23
N GLU A 440 -2.79 -17.22 -1.86
CA GLU A 440 -1.51 -17.92 -1.71
C GLU A 440 -0.99 -17.83 -0.29
N LEU A 441 -1.19 -16.68 0.36
CA LEU A 441 -0.80 -16.52 1.75
C LEU A 441 -1.74 -17.28 2.66
N MET A 442 -3.00 -17.38 2.25
CA MET A 442 -4.00 -18.12 3.00
C MET A 442 -3.63 -19.60 3.00
N ARG A 443 -3.05 -20.06 1.89
CA ARG A 443 -2.66 -21.45 1.75
C ARG A 443 -1.43 -21.78 2.60
N LYS A 444 -0.46 -20.87 2.62
CA LYS A 444 0.76 -21.04 3.41
C LYS A 444 0.45 -21.05 4.91
N GLY A 445 -0.37 -20.10 5.34
CA GLY A 445 -0.70 -19.96 6.75
C GLY A 445 -1.46 -21.15 7.32
N ILE A 446 -2.32 -21.74 6.49
CA ILE A 446 -3.08 -22.92 6.87
C ILE A 446 -2.16 -24.12 7.05
N ARG A 447 -1.27 -24.32 6.10
CA ARG A 447 -0.30 -25.41 6.17
C ARG A 447 0.60 -25.30 7.41
N TRP A 448 1.05 -24.09 7.72
CA TRP A 448 1.91 -23.88 8.89
C TRP A 448 1.12 -24.09 10.17
N LEU A 449 -0.15 -23.68 10.15
CA LEU A 449 -1.01 -23.78 11.33
C LEU A 449 -1.28 -25.23 11.71
N ILE A 450 -1.63 -26.05 10.72
CA ILE A 450 -1.90 -27.46 10.96
C ILE A 450 -0.64 -28.21 11.42
N GLU A 451 0.52 -27.76 10.95
CA GLU A 451 1.78 -28.34 11.39
C GLU A 451 2.06 -27.94 12.83
N LEU A 452 1.59 -26.75 13.19
CA LEU A 452 1.77 -26.22 14.52
C LEU A 452 0.81 -26.91 15.49
N ILE A 453 -0.41 -27.18 15.02
CA ILE A 453 -1.39 -27.90 15.82
C ILE A 453 -0.93 -29.34 16.03
N LYS A 454 -0.28 -29.92 15.01
CA LYS A 454 0.31 -31.24 15.13
C LYS A 454 1.40 -31.24 16.20
N ASP A 455 2.17 -30.15 16.27
CA ASP A 455 3.20 -30.01 17.28
C ASP A 455 2.59 -29.99 18.68
N ASP A 456 1.44 -29.35 18.79
CA ASP A 456 0.73 -29.25 20.06
C ASP A 456 0.18 -30.60 20.48
N TYR A 457 -0.32 -31.35 19.52
CA TYR A 457 -0.83 -32.70 19.77
C TYR A 457 0.27 -33.61 20.30
N ASN A 458 1.45 -33.50 19.70
CA ASN A 458 2.59 -34.33 20.10
C ASN A 458 3.07 -34.02 21.52
N GLU A 459 3.06 -32.75 21.88
CA GLU A 459 3.50 -32.34 23.21
C GLU A 459 2.51 -32.79 24.29
N THR A 460 1.22 -32.69 23.97
CA THR A 460 0.17 -33.14 24.87
C THR A 460 0.28 -34.65 25.08
N VAL A 461 0.60 -35.36 24.01
CA VAL A 461 0.84 -36.81 24.08
C VAL A 461 2.00 -37.12 25.03
N HIS A 462 3.06 -36.32 24.96
CA HIS A 462 4.23 -36.49 25.83
C HIS A 462 3.89 -36.31 27.30
N LYS A 463 3.04 -35.32 27.59
CA LYS A 463 2.58 -35.08 28.96
C LYS A 463 1.72 -36.23 29.47
N LYS A 464 0.98 -36.86 28.56
CA LYS A 464 0.12 -37.99 28.94
C LYS A 464 0.95 -39.23 29.24
N THR A 465 2.01 -39.44 28.47
CA THR A 465 2.90 -40.59 28.66
C THR A 465 3.60 -40.52 30.01
N GLU A 466 3.98 -39.32 30.42
CA GLU A 466 4.58 -39.10 31.74
C GLU A 466 3.56 -39.42 32.83
N VAL A 467 2.36 -38.90 32.68
CA VAL A 467 1.30 -39.08 33.67
C VAL A 467 0.95 -40.55 33.83
N VAL A 468 0.76 -41.24 32.71
CA VAL A 468 0.38 -42.65 32.74
C VAL A 468 1.51 -43.52 33.29
N ILE A 469 2.76 -43.10 33.07
CA ILE A 469 3.91 -43.81 33.63
C ILE A 469 3.95 -43.62 35.14
N THR A 470 3.77 -42.38 35.58
CA THR A 470 3.73 -42.05 37.00
C THR A 470 2.58 -42.81 37.68
N LEU A 471 1.43 -42.84 37.02
CA LEU A 471 0.26 -43.52 37.55
C LEU A 471 0.47 -45.03 37.60
N ASP A 472 0.90 -45.60 36.47
CA ASP A 472 1.14 -47.03 36.38
C ASP A 472 2.21 -47.48 37.37
N PHE A 473 3.05 -46.53 37.80
CA PHE A 473 4.11 -46.83 38.75
C PHE A 473 3.64 -46.69 40.19
N CYS A 474 2.62 -45.84 40.40
CA CYS A 474 2.07 -45.60 41.73
C CYS A 474 1.07 -46.70 42.11
N ILE A 475 0.36 -47.22 41.12
CA ILE A 475 -0.63 -48.27 41.35
C ILE A 475 0.04 -49.63 41.55
N ARG A 476 1.17 -49.83 40.90
CA ARG A 476 1.90 -51.09 41.01
C ARG A 476 2.61 -51.20 42.36
N ASN A 477 3.22 -50.10 42.78
CA ASN A 477 3.94 -50.05 44.05
C ASN A 477 2.98 -50.29 45.22
N ILE A 478 1.76 -49.78 45.08
CA ILE A 478 0.73 -49.92 46.11
C ILE A 478 0.12 -51.33 46.08
N GLU A 479 0.00 -51.89 44.88
CA GLU A 479 -0.47 -53.25 44.73
C GLU A 479 0.57 -54.26 45.22
N LYS A 480 1.84 -53.86 45.21
CA LYS A 480 2.90 -54.72 45.72
C LYS A 480 2.95 -54.63 47.25
N THR A 481 2.46 -53.52 47.78
CA THR A 481 2.44 -53.27 49.22
C THR A 481 1.43 -54.18 49.91
N VAL A 482 0.24 -54.29 49.33
CA VAL A 482 -0.80 -55.17 49.84
C VAL A 482 -0.43 -56.64 49.59
N LYS A 483 0.40 -56.88 48.58
CA LYS A 483 0.83 -58.24 48.23
C LYS A 483 1.77 -58.86 49.27
N VAL A 484 2.84 -58.15 49.58
CA VAL A 484 3.86 -58.67 50.49
C VAL A 484 3.70 -58.12 51.91
N TYR A 485 4.61 -58.54 52.80
CA TYR A 485 4.60 -58.15 54.20
C TYR A 485 3.28 -58.49 54.90
N ALA A 495 -7.04 -54.91 58.84
CA ALA A 495 -8.06 -54.19 59.57
C ALA A 495 -8.22 -52.76 59.07
N ALA A 496 -7.42 -51.85 59.62
CA ALA A 496 -7.48 -50.45 59.22
C ALA A 496 -6.59 -50.12 58.02
N GLU A 497 -5.46 -50.82 57.92
CA GLU A 497 -4.49 -50.56 56.86
C GLU A 497 -5.04 -50.86 55.49
N LEU A 498 -5.69 -52.03 55.36
CA LEU A 498 -6.29 -52.43 54.10
C LEU A 498 -7.42 -51.47 53.71
N GLY A 499 -7.88 -50.67 54.67
CA GLY A 499 -8.87 -49.63 54.40
C GLY A 499 -8.22 -48.36 53.84
N GLU A 500 -7.06 -48.01 54.40
CA GLU A 500 -6.24 -46.87 53.97
C GLU A 500 -5.75 -47.02 52.53
N ILE A 501 -5.30 -48.23 52.19
CA ILE A 501 -4.76 -48.53 50.87
C ILE A 501 -5.87 -48.67 49.84
N SER A 502 -7.07 -48.97 50.32
CA SER A 502 -8.23 -49.18 49.44
C SER A 502 -8.82 -47.86 48.92
N ASP A 503 -8.71 -46.80 49.72
CA ASP A 503 -9.10 -45.46 49.26
C ASP A 503 -8.23 -45.08 48.07
N ILE A 504 -6.94 -45.33 48.21
CA ILE A 504 -5.96 -45.08 47.15
C ILE A 504 -6.22 -45.98 45.95
N HIS A 505 -6.57 -47.24 46.19
CA HIS A 505 -6.92 -48.15 45.10
C HIS A 505 -8.09 -47.61 44.30
N THR A 506 -9.10 -47.11 45.00
CA THR A 506 -10.29 -46.53 44.36
C THR A 506 -9.97 -45.19 43.70
N LYS A 507 -9.08 -44.42 44.32
CA LYS A 507 -8.68 -43.11 43.81
C LYS A 507 -7.86 -43.21 42.53
N LEU A 508 -6.85 -44.06 42.56
CA LEU A 508 -5.95 -44.24 41.41
C LEU A 508 -6.63 -44.94 40.24
N LEU A 509 -7.63 -45.77 40.54
CA LEU A 509 -8.41 -46.42 39.49
C LEU A 509 -9.24 -45.41 38.69
N ARG A 510 -9.83 -44.45 39.41
CA ARG A 510 -10.62 -43.40 38.78
C ARG A 510 -9.76 -42.55 37.85
N LEU A 511 -8.52 -42.32 38.26
CA LEU A 511 -7.57 -41.55 37.47
C LEU A 511 -7.14 -42.32 36.22
N SER A 512 -7.03 -43.63 36.34
CA SER A 512 -6.63 -44.47 35.21
C SER A 512 -7.71 -44.54 34.14
N SER A 513 -8.96 -44.59 34.56
CA SER A 513 -10.09 -44.63 33.63
C SER A 513 -10.21 -43.32 32.88
N SER A 514 -10.09 -42.21 33.62
CA SER A 514 -10.17 -40.89 33.02
C SER A 514 -8.99 -40.65 32.08
N GLN A 515 -7.81 -41.08 32.50
CA GLN A 515 -6.61 -41.00 31.67
C GLN A 515 -6.77 -41.85 30.42
N GLY A 516 -7.47 -42.97 30.57
CA GLY A 516 -7.74 -43.86 29.45
C GLY A 516 -8.65 -43.21 28.41
N THR A 517 -9.69 -42.54 28.89
CA THR A 517 -10.62 -41.85 28.00
C THR A 517 -9.94 -40.70 27.27
N ILE A 518 -9.17 -39.91 28.00
CA ILE A 518 -8.37 -38.83 27.43
C ILE A 518 -7.44 -39.36 26.35
N GLU A 519 -6.79 -40.48 26.66
CA GLU A 519 -5.89 -41.15 25.72
C GLU A 519 -6.58 -41.50 24.40
N THR A 520 -7.88 -41.77 24.46
CA THR A 520 -8.65 -42.16 23.28
C THR A 520 -9.15 -40.98 22.46
N SER A 521 -9.68 -39.95 23.13
CA SER A 521 -10.21 -38.78 22.43
C SER A 521 -9.08 -37.94 21.83
N LEU A 522 -7.87 -38.13 22.35
CA LEU A 522 -6.69 -37.52 21.75
C LEU A 522 -6.36 -38.20 20.43
N GLN A 523 -6.59 -39.51 20.38
CA GLN A 523 -6.41 -40.28 19.15
C GLN A 523 -7.52 -39.97 18.15
N ASP A 524 -8.61 -39.39 18.64
CA ASP A 524 -9.68 -38.89 17.79
C ASP A 524 -9.23 -37.59 17.13
N ILE A 525 -8.54 -36.76 17.90
CA ILE A 525 -7.97 -35.53 17.38
C ILE A 525 -6.88 -35.85 16.35
N ASP A 526 -6.12 -36.92 16.61
CA ASP A 526 -5.11 -37.37 15.66
C ASP A 526 -5.77 -37.87 14.38
N SER A 527 -6.96 -38.44 14.52
CA SER A 527 -7.75 -38.88 13.38
C SER A 527 -8.28 -37.67 12.61
N ARG A 528 -8.46 -36.56 13.33
CA ARG A 528 -8.86 -35.29 12.71
C ARG A 528 -7.69 -34.63 12.00
N LEU A 529 -6.49 -34.84 12.53
CA LEU A 529 -5.29 -34.22 11.97
C LEU A 529 -4.66 -35.09 10.88
N SER A 530 -5.16 -36.31 10.74
CA SER A 530 -4.70 -37.21 9.68
C SER A 530 -5.17 -36.70 8.32
N PRO A 531 -4.44 -37.06 7.25
CA PRO A 531 -4.86 -36.71 5.90
C PRO A 531 -6.27 -37.22 5.60
N GLY A 532 -7.15 -36.34 5.16
CA GLY A 532 -8.55 -36.68 4.96
C GLY A 532 -9.29 -36.76 6.28
N GLY A 533 -8.83 -35.96 7.24
CA GLY A 533 -9.37 -35.97 8.59
C GLY A 533 -10.51 -34.99 8.83
N SER A 534 -10.89 -34.26 7.78
CA SER A 534 -11.95 -33.26 7.84
C SER A 534 -11.44 -31.90 8.34
N LEU A 535 -10.13 -31.82 8.58
CA LEU A 535 -9.47 -30.55 8.84
C LEU A 535 -8.31 -30.38 7.86
N ALA A 536 -8.21 -31.29 6.90
CA ALA A 536 -7.16 -31.22 5.88
C ALA A 536 -7.29 -29.96 5.03
N ASP A 537 -6.17 -29.52 4.45
CA ASP A 537 -6.15 -28.33 3.62
C ASP A 537 -6.29 -28.65 2.14
N ALA A 538 -6.85 -29.82 1.82
CA ALA A 538 -6.96 -30.25 0.43
C ALA A 538 -7.83 -29.26 -0.36
N TRP A 539 -8.84 -28.73 0.32
CA TRP A 539 -9.85 -27.89 -0.30
C TRP A 539 -9.32 -26.58 -0.88
N ALA A 540 -8.39 -25.95 -0.19
CA ALA A 540 -7.98 -24.61 -0.58
C ALA A 540 -7.37 -24.49 -1.92
N HIS A 541 -6.53 -25.46 -2.24
CA HIS A 541 -5.95 -25.47 -3.54
C HIS A 541 -7.09 -25.57 -4.54
N GLN A 542 -8.06 -26.44 -4.24
CA GLN A 542 -9.22 -26.63 -5.11
C GLN A 542 -10.16 -25.41 -5.27
N GLU A 543 -10.46 -24.72 -4.17
CA GLU A 543 -11.48 -23.67 -4.14
C GLU A 543 -11.27 -22.39 -4.97
N GLY A 544 -10.04 -21.87 -5.00
CA GLY A 544 -9.75 -20.58 -5.60
C GLY A 544 -8.89 -20.60 -6.86
N THR A 545 -8.10 -19.55 -7.05
CA THR A 545 -7.21 -19.41 -8.21
C THR A 545 -5.75 -19.62 -7.83
N HIS A 546 -4.94 -20.04 -8.81
CA HIS A 546 -3.51 -20.29 -8.62
C HIS A 546 -2.66 -19.56 -9.62
N PRO A 547 -1.41 -19.37 -9.25
CA PRO A 547 -0.47 -18.69 -10.16
C PRO A 547 -0.38 -19.35 -11.53
N LYS A 548 -0.60 -20.66 -11.59
CA LYS A 548 -0.51 -21.39 -12.85
C LYS A 548 -1.67 -21.07 -13.79
N ASP A 549 -2.76 -20.54 -13.23
CA ASP A 549 -3.91 -20.15 -14.04
C ASP A 549 -3.55 -18.98 -14.96
N ARG A 550 -2.56 -18.19 -14.53
CA ARG A 550 -2.04 -17.07 -15.32
C ARG A 550 -3.13 -16.06 -15.64
N ASN A 551 -4.00 -15.81 -14.67
CA ASN A 551 -5.09 -14.87 -14.85
C ASN A 551 -4.59 -13.45 -15.01
N VAL A 552 -3.61 -13.07 -14.19
CA VAL A 552 -3.08 -11.71 -14.21
C VAL A 552 -2.37 -11.42 -15.53
N GLU A 553 -1.69 -12.43 -16.07
CA GLU A 553 -0.97 -12.28 -17.32
C GLU A 553 -1.91 -12.14 -18.51
N LYS A 554 -3.08 -12.75 -18.41
CA LYS A 554 -4.10 -12.64 -19.44
C LYS A 554 -4.66 -11.22 -19.47
N LEU A 555 -4.91 -10.65 -18.30
CA LEU A 555 -5.38 -9.27 -18.20
C LEU A 555 -4.33 -8.31 -18.75
N GLN A 556 -3.06 -8.61 -18.49
CA GLN A 556 -1.97 -7.74 -18.90
C GLN A 556 -1.81 -7.73 -20.42
N VAL A 557 -2.11 -8.86 -21.05
CA VAL A 557 -2.09 -8.96 -22.51
C VAL A 557 -3.12 -8.01 -23.12
N LEU A 558 -4.35 -8.08 -22.62
CA LEU A 558 -5.41 -7.20 -23.10
C LEU A 558 -5.12 -5.76 -22.71
N LEU A 559 -4.49 -5.58 -21.54
CA LEU A 559 -4.11 -4.26 -21.07
C LEU A 559 -3.04 -3.65 -21.96
N ASN A 560 -2.21 -4.50 -22.54
CA ASN A 560 -1.16 -4.07 -23.46
C ASN A 560 -1.72 -3.58 -24.79
N CYS A 561 -2.73 -4.28 -25.30
CA CYS A 561 -3.40 -3.89 -26.52
C CYS A 561 -4.11 -2.56 -26.30
N MET A 562 -4.77 -2.43 -25.15
CA MET A 562 -5.48 -1.21 -24.81
C MET A 562 -4.56 -0.02 -24.63
N THR A 563 -3.41 -0.24 -23.98
CA THR A 563 -2.48 0.86 -23.73
C THR A 563 -1.77 1.28 -25.01
N GLU A 564 -1.75 0.39 -26.00
CA GLU A 564 -1.13 0.70 -27.27
C GLU A 564 -2.07 1.59 -28.09
N ILE A 565 -3.34 1.20 -28.11
CA ILE A 565 -4.38 1.97 -28.77
C ILE A 565 -4.54 3.32 -28.06
N TYR A 566 -4.31 3.32 -26.75
CA TYR A 566 -4.39 4.55 -25.96
C TYR A 566 -3.33 5.56 -26.41
N TYR A 567 -2.07 5.14 -26.43
CA TYR A 567 -0.98 6.04 -26.80
C TYR A 567 -1.06 6.50 -28.25
N GLN A 568 -1.71 5.68 -29.08
CA GLN A 568 -1.93 6.04 -30.47
C GLN A 568 -2.99 7.13 -30.58
N PHE A 569 -4.01 7.03 -29.73
CA PHE A 569 -5.06 8.06 -29.69
C PHE A 569 -4.50 9.37 -29.17
N LYS A 570 -3.46 9.30 -28.34
CA LYS A 570 -2.80 10.51 -27.86
C LYS A 570 -2.10 11.22 -29.00
N LYS A 571 -1.41 10.44 -29.84
CA LYS A 571 -0.71 10.98 -30.99
C LYS A 571 -1.69 11.50 -32.05
N ASP A 572 -2.87 10.88 -32.12
CA ASP A 572 -3.90 11.33 -33.03
C ASP A 572 -4.49 12.67 -32.56
N LYS A 573 -4.57 12.83 -31.23
CA LYS A 573 -4.98 14.08 -30.62
C LYS A 573 -3.99 15.20 -30.93
N ALA A 574 -2.70 14.86 -30.88
CA ALA A 574 -1.62 15.84 -31.06
C ALA A 574 -1.66 16.44 -32.46
N GLU A 575 -1.94 15.60 -33.46
CA GLU A 575 -2.00 16.05 -34.84
C GLU A 575 -3.11 17.09 -35.01
N ARG A 576 -4.23 16.84 -34.36
CA ARG A 576 -5.40 17.72 -34.40
C ARG A 576 -6.25 17.42 -35.64
N ARG A 577 -5.76 16.51 -36.47
CA ARG A 577 -6.48 16.07 -37.65
C ARG A 577 -5.94 14.70 -38.08
N LEU A 578 -6.71 13.99 -38.88
CA LEU A 578 -6.18 12.74 -39.46
C LEU A 578 -6.61 12.56 -40.91
N ALA A 579 -5.78 11.85 -41.68
CA ALA A 579 -6.11 11.53 -43.06
C ALA A 579 -7.24 10.52 -43.10
N TYR A 580 -7.82 10.33 -44.28
CA TYR A 580 -8.98 9.46 -44.45
C TYR A 580 -8.68 8.04 -43.99
N ASN A 581 -7.47 7.58 -44.27
CA ASN A 581 -7.03 6.25 -43.84
C ASN A 581 -6.95 6.13 -42.32
N GLU A 582 -6.14 6.99 -41.72
CA GLU A 582 -5.95 7.00 -40.27
C GLU A 582 -7.25 7.30 -39.54
N GLU A 583 -8.19 7.95 -40.23
CA GLU A 583 -9.50 8.24 -39.63
C GLU A 583 -10.26 6.96 -39.36
N GLN A 584 -10.29 6.07 -40.36
CA GLN A 584 -11.03 4.82 -40.22
C GLN A 584 -10.31 3.83 -39.30
N ILE A 585 -8.99 3.88 -39.30
CA ILE A 585 -8.20 3.02 -38.42
C ILE A 585 -8.43 3.44 -36.97
N HIS A 586 -8.56 4.75 -36.77
CA HIS A 586 -8.91 5.30 -35.47
C HIS A 586 -10.28 4.80 -35.03
N LYS A 587 -11.25 4.85 -35.95
CA LYS A 587 -12.62 4.45 -35.64
C LYS A 587 -12.72 2.96 -35.33
N PHE A 588 -11.84 2.17 -35.94
CA PHE A 588 -11.83 0.73 -35.71
C PHE A 588 -11.24 0.37 -34.36
N ASP A 589 -10.07 0.93 -34.07
CA ASP A 589 -9.35 0.64 -32.84
C ASP A 589 -10.10 1.15 -31.62
N LYS A 590 -11.02 2.10 -31.82
CA LYS A 590 -11.86 2.57 -30.75
C LYS A 590 -12.86 1.49 -30.33
N GLN A 591 -13.41 0.80 -31.32
CA GLN A 591 -14.30 -0.33 -31.04
C GLN A 591 -13.52 -1.55 -30.56
N LYS A 592 -12.26 -1.64 -30.98
CA LYS A 592 -11.38 -2.72 -30.53
C LYS A 592 -10.98 -2.48 -29.07
N LEU A 593 -10.90 -1.22 -28.68
CA LEU A 593 -10.53 -0.86 -27.32
C LEU A 593 -11.62 -1.29 -26.36
N TYR A 594 -12.87 -1.21 -26.83
CA TYR A 594 -14.03 -1.59 -26.02
C TYR A 594 -14.11 -3.10 -25.81
N TYR A 595 -13.97 -3.86 -26.90
CA TYR A 595 -14.06 -5.32 -26.82
C TYR A 595 -12.94 -5.91 -25.97
N HIS A 596 -11.79 -5.24 -25.96
CA HIS A 596 -10.68 -5.65 -25.11
C HIS A 596 -11.06 -5.47 -23.65
N ALA A 597 -11.62 -4.31 -23.32
CA ALA A 597 -11.96 -3.97 -21.95
C ALA A 597 -13.06 -4.87 -21.40
N THR A 598 -14.10 -5.07 -22.20
CA THR A 598 -15.22 -5.93 -21.81
C THR A 598 -14.75 -7.37 -21.59
N LYS A 599 -13.80 -7.81 -22.42
CA LYS A 599 -13.23 -9.14 -22.32
C LYS A 599 -12.47 -9.28 -21.00
N ALA A 600 -11.76 -8.22 -20.63
CA ALA A 600 -10.97 -8.23 -19.41
C ALA A 600 -11.86 -8.24 -18.16
N MET A 601 -12.83 -7.34 -18.12
CA MET A 601 -13.72 -7.23 -16.96
C MET A 601 -14.58 -8.49 -16.78
N THR A 602 -15.00 -9.07 -17.89
CA THR A 602 -15.73 -10.34 -17.87
C THR A 602 -14.86 -11.43 -17.26
N HIS A 603 -13.61 -11.51 -17.70
CA HIS A 603 -12.67 -12.48 -17.16
C HIS A 603 -12.39 -12.22 -15.68
N PHE A 604 -12.28 -10.94 -15.33
CA PHE A 604 -12.00 -10.55 -13.94
C PHE A 604 -13.12 -10.97 -12.99
N THR A 605 -14.36 -10.74 -13.41
CA THR A 605 -15.51 -11.02 -12.56
C THR A 605 -15.87 -12.51 -12.53
N ASP A 606 -15.98 -13.11 -13.71
CA ASP A 606 -16.27 -14.54 -13.81
C ASP A 606 -15.18 -15.49 -13.27
N GLU A 607 -13.92 -15.20 -13.59
CA GLU A 607 -12.82 -16.13 -13.27
C GLU A 607 -12.04 -15.84 -11.99
N CYS A 608 -11.67 -14.58 -11.79
CA CYS A 608 -10.89 -14.17 -10.64
C CYS A 608 -11.73 -13.97 -9.38
N VAL A 609 -12.79 -13.17 -9.51
CA VAL A 609 -13.62 -12.83 -8.37
C VAL A 609 -14.36 -14.04 -7.81
N LYS A 610 -15.15 -14.70 -8.66
CA LYS A 610 -15.95 -15.85 -8.24
C LYS A 610 -15.15 -16.91 -7.49
N LYS A 611 -14.01 -17.31 -8.05
CA LYS A 611 -13.17 -18.33 -7.41
C LYS A 611 -12.58 -17.83 -6.10
N TYR A 612 -12.34 -16.52 -6.01
CA TYR A 612 -11.89 -15.92 -4.77
C TYR A 612 -12.99 -15.95 -3.71
N GLU A 613 -14.22 -15.66 -4.13
CA GLU A 613 -15.36 -15.64 -3.22
C GLU A 613 -15.55 -17.02 -2.58
N ALA A 614 -15.50 -18.05 -3.42
CA ALA A 614 -15.70 -19.42 -2.97
C ALA A 614 -14.59 -19.87 -2.03
N PHE A 615 -13.38 -19.39 -2.28
CA PHE A 615 -12.24 -19.70 -1.43
C PHE A 615 -12.44 -19.05 -0.06
N LEU A 616 -13.01 -17.86 -0.05
CA LEU A 616 -13.27 -17.13 1.19
C LEU A 616 -14.37 -17.81 2.00
N ASN A 617 -15.41 -18.26 1.30
CA ASN A 617 -16.53 -18.94 1.94
C ASN A 617 -16.14 -20.27 2.57
N LYS A 618 -15.26 -21.00 1.90
CA LYS A 618 -14.78 -22.27 2.42
C LYS A 618 -13.63 -22.08 3.41
N SER A 619 -13.13 -20.85 3.50
CA SER A 619 -12.12 -20.52 4.49
C SER A 619 -12.78 -20.29 5.85
N GLU A 620 -13.98 -19.71 5.83
CA GLU A 620 -14.72 -19.46 7.06
C GLU A 620 -14.99 -20.75 7.80
N GLU A 621 -15.42 -21.78 7.07
CA GLU A 621 -15.81 -23.05 7.66
C GLU A 621 -14.62 -23.76 8.31
N TRP A 622 -13.49 -23.78 7.60
CA TRP A 622 -12.29 -24.42 8.11
C TRP A 622 -11.80 -23.73 9.37
N ILE A 623 -11.87 -22.40 9.39
CA ILE A 623 -11.47 -21.60 10.54
C ILE A 623 -12.28 -22.00 11.79
N ARG A 624 -13.59 -22.13 11.63
CA ARG A 624 -14.46 -22.52 12.74
C ARG A 624 -14.14 -23.92 13.25
N LYS A 625 -13.93 -24.85 12.32
CA LYS A 625 -13.54 -26.22 12.68
C LYS A 625 -12.19 -26.23 13.36
N MET A 626 -11.27 -25.42 12.84
CA MET A 626 -9.93 -25.31 13.42
C MET A 626 -9.99 -24.74 14.84
N LEU A 627 -10.79 -23.70 15.03
CA LEU A 627 -10.91 -23.08 16.35
C LEU A 627 -11.55 -24.02 17.34
N HIS A 628 -12.47 -24.85 16.84
CA HIS A 628 -13.14 -25.85 17.67
C HIS A 628 -12.17 -26.90 18.17
N LEU A 629 -11.30 -27.34 17.26
CA LEU A 629 -10.36 -28.41 17.56
C LEU A 629 -9.31 -27.97 18.58
N ARG A 630 -8.83 -26.74 18.43
CA ARG A 630 -7.81 -26.20 19.33
C ARG A 630 -8.36 -26.03 20.75
N LYS A 631 -9.64 -25.69 20.85
CA LYS A 631 -10.28 -25.53 22.14
C LYS A 631 -10.35 -26.87 22.88
N GLN A 632 -10.77 -27.89 22.16
CA GLN A 632 -10.90 -29.23 22.71
C GLN A 632 -9.56 -29.81 23.14
N LEU A 633 -8.54 -29.59 22.31
CA LEU A 633 -7.19 -30.06 22.61
C LEU A 633 -6.64 -29.36 23.86
N LEU A 634 -7.00 -28.09 24.01
CA LEU A 634 -6.60 -27.31 25.17
C LEU A 634 -7.19 -27.91 26.45
N SER A 635 -8.47 -28.24 26.41
CA SER A 635 -9.14 -28.83 27.57
C SER A 635 -8.50 -30.16 27.92
N LEU A 636 -8.16 -30.95 26.89
CA LEU A 636 -7.53 -32.24 27.10
C LEU A 636 -6.13 -32.08 27.69
N THR A 637 -5.43 -31.04 27.27
CA THR A 637 -4.09 -30.76 27.78
C THR A 637 -4.17 -30.31 29.23
N ASN A 638 -5.17 -29.47 29.51
CA ASN A 638 -5.42 -29.02 30.87
C ASN A 638 -5.80 -30.17 31.80
N GLN A 639 -6.50 -31.16 31.26
CA GLN A 639 -6.90 -32.32 32.05
C GLN A 639 -5.70 -33.20 32.37
N CYS A 640 -4.71 -33.21 31.47
CA CYS A 640 -3.48 -33.96 31.71
C CYS A 640 -2.64 -33.33 32.80
N PHE A 641 -2.67 -31.99 32.87
CA PHE A 641 -1.96 -31.28 33.91
C PHE A 641 -2.62 -31.54 35.26
N ASP A 642 -3.94 -31.69 35.24
CA ASP A 642 -4.72 -31.93 36.45
C ASP A 642 -4.42 -33.30 37.04
N ILE A 643 -4.41 -34.33 36.20
CA ILE A 643 -4.11 -35.68 36.66
C ILE A 643 -2.62 -35.83 36.95
N GLU A 644 -1.81 -34.91 36.43
CA GLU A 644 -0.39 -34.88 36.73
C GLU A 644 -0.17 -34.35 38.15
N GLU A 645 -0.89 -33.29 38.49
CA GLU A 645 -0.74 -32.66 39.80
C GLU A 645 -1.55 -33.37 40.87
N GLU A 646 -2.42 -34.30 40.45
CA GLU A 646 -3.22 -35.07 41.39
C GLU A 646 -2.56 -36.39 41.79
N VAL A 647 -1.52 -36.77 41.06
CA VAL A 647 -0.77 -37.98 41.40
C VAL A 647 0.50 -37.65 42.17
N SER A 648 0.78 -36.36 42.33
CA SER A 648 1.88 -35.93 43.17
C SER A 648 1.46 -35.94 44.63
N LYS A 649 0.14 -35.97 44.85
CA LYS A 649 -0.44 -35.91 46.18
C LYS A 649 -0.71 -37.32 46.72
N TYR A 650 -0.32 -38.33 45.95
CA TYR A 650 -0.60 -39.72 46.31
C TYR A 650 0.66 -40.59 46.29
N GLN A 651 1.55 -40.34 45.33
CA GLN A 651 2.76 -41.14 45.18
C GLN A 651 3.68 -41.01 46.38
N GLU A 652 3.49 -39.95 47.17
CA GLU A 652 4.15 -39.87 48.48
C GLU A 652 3.28 -40.29 49.69
N TYR A 653 2.01 -40.63 49.44
CA TYR A 653 1.03 -40.87 50.52
C TYR A 653 1.25 -42.03 51.51
N THR A 654 1.64 -43.19 50.98
CA THR A 654 1.83 -44.42 51.77
C THR A 654 3.21 -45.02 51.55
N ASN A 655 3.87 -44.59 50.48
CA ASN A 655 5.22 -45.06 50.20
C ASN A 655 6.26 -44.39 51.09
N GLU A 656 5.88 -43.26 51.68
CA GLU A 656 6.79 -42.52 52.55
C GLU A 656 6.44 -42.70 54.02
N LEU A 657 5.82 -43.84 54.33
CA LEU A 657 5.36 -44.14 55.70
C LEU A 657 6.53 -44.09 56.69
N GLN A 658 6.24 -43.66 57.92
CA GLN A 658 7.28 -43.40 58.90
C GLN A 658 7.37 -44.46 59.99
N GLU A 659 8.60 -44.72 60.44
CA GLU A 659 8.88 -45.56 61.61
C GLU A 659 10.36 -45.46 61.98
N THR A 660 10.69 -45.91 63.19
CA THR A 660 12.09 -45.90 63.64
C THR A 660 12.90 -46.97 62.92
C14 1H4 B . 14.19 22.75 -17.42
C11 1H4 B . 13.60 19.51 -17.66
C10 1H4 B . 12.47 18.26 -19.03
C12 1H4 B . 12.93 20.62 -17.57
C13 1H4 B . 13.36 21.84 -16.69
C01 1H4 B . 7.76 25.52 -17.77
C02 1H4 B . 8.66 26.12 -18.87
C03 1H4 B . 9.69 26.40 -17.78
C04 1H4 B . 8.86 25.64 -16.88
C05 1H4 B . 9.47 24.32 -16.60
O01 1H4 B . 10.69 24.47 -15.93
N01 1H4 B . 8.66 23.33 -17.09
C06 1H4 B . 8.82 21.96 -16.59
C07 1H4 B . 8.66 20.96 -17.76
C08 1H4 B . 9.45 21.50 -18.94
N02 1H4 B . 10.79 21.76 -18.50
C09 1H4 B . 11.70 20.63 -18.41
N03 1H4 B . 11.44 19.33 -19.23
N04 1H4 B . 13.37 18.55 -18.28
C15 1H4 B . 14.76 21.79 -16.39
N05 1H4 B . 12.42 16.98 -19.70
C16 1H4 B . 11.20 16.37 -20.22
C17 1H4 B . 11.23 14.92 -20.95
C18 1H4 B . 9.90 14.45 -21.43
C19 1H4 B . 8.96 15.25 -21.20
C20 1H4 B . 8.89 16.31 -20.68
C21 1H4 B . 9.84 17.01 -20.16
N 1H4 B . 9.72 13.19 -22.09
C22 1H4 B . 8.56 12.32 -21.96
C23 1H4 B . 8.76 11.17 -22.95
C24 1H4 B . 10.12 11.29 -23.50
C 1H4 B . 10.68 12.58 -23.02
O 1H4 B . 11.76 13.06 -23.35
#